data_8VXJ
#
_entry.id   8VXJ
#
_cell.length_a   58.530
_cell.length_b   67.472
_cell.length_c   167.123
_cell.angle_alpha   90.000
_cell.angle_beta   95.742
_cell.angle_gamma   90.000
#
_symmetry.space_group_name_H-M   'P 1 21 1'
#
loop_
_entity.id
_entity.type
_entity.pdbx_description
1 polymer 'Apolipoprotein A-I'
2 polymer 'Fab 55201 heavy chain'
3 polymer 'Fab 55201 light chain'
4 water water
#
loop_
_entity_poly.entity_id
_entity_poly.type
_entity_poly.pdbx_seq_one_letter_code
_entity_poly.pdbx_strand_id
1 'polypeptide(L)'
;DEPPQSPWDRVKDLATVYVDVLKDSGRDYVSQFEGSALGKQLNLKLLDNWDSVTSTFSKLREQLGPVTQEFWDNLEKETE
GLRQEMSKDLEEVKAKVQPYLDDFQKKWQEEMELYRQKVEPLRAELQEGARQKLHELQEKLSPLGEEMRDRARAHVDALR
THLAPYSDELRQRLAARLEALKENGGARLAEYHAKATEHLSTLSEKAKPALEDLRQGLLPVLESFKVSFLSALEEYTKKL
NTQ
;
C,D
2 'polypeptide(L)'
;EVQLQQSGPELVKPGGSLKLSCKASG(UNK)(UNK)(UNK)(UNK)(UNK)(UNK)(UNK)MNWVRQSHGKSLEWVA
(UNK)(UNK)(UNK)(UNK)(UNK)(UNK)(UNK)(UNK)(UNK)AYNQKFKGKATLTVDKSSSTAYMELSSLTSEDSAV
YYCAR(UNK)(UNK)(UNK)(UNK)(UNK)(UNK)(UNK)(UNK)(UNK)(UNK)(UNK)(UNK)(UNK)(UNK)WGQGT
LVTVSSAKTTPPSVYPLAPGSAAQTNSMVTLGCLVKGYFPEPVTVTWNSGSLSSGVHTFPAVLQSDLYTLSSSVTVPSST
WPSETVTCNVAHPASSTKVDKKIVPRD
;
H,A
3 'polypeptide(L)'
;DIQMTQSPSSLSASLGETVTITC(UNK)(UNK)(UNK)(UNK)(UNK)(UNK)(UNK)(UNK)(UNK)(UNK)(UNK)WY
QQKSGQSPKLLVY(UNK)(UNK)(UNK)(UNK)(UNK)(UNK)(UNK)GVPARFSGSGSGTSYSLTISSLQPEDFGVYYC
(UNK)(UNK)(UNK)(UNK)(UNK)(UNK)(UNK)(UNK)FGGGTKLEIKRADAAPTVSIFPPSSEQLTSGGASVVCFLN
NFYPKDINVKWKIDGSERQNGVLNSWTDQDSKDSTYSMSSTLTLTKDEYERHNSYTCEATHKTSTSPIVKSFNRNE
;
L,B
#
# COMPACT_ATOMS: atom_id res chain seq x y z
N SER A 6 10.39 -9.34 -5.17
CA SER A 6 10.52 -8.20 -6.08
C SER A 6 10.89 -6.93 -5.32
N PRO A 7 12.01 -6.31 -5.69
CA PRO A 7 12.44 -5.08 -4.99
C PRO A 7 11.53 -3.90 -5.25
N TRP A 8 10.72 -3.93 -6.31
CA TRP A 8 9.85 -2.79 -6.62
C TRP A 8 8.64 -2.72 -5.71
N ASP A 9 8.32 -3.80 -5.00
CA ASP A 9 7.17 -3.75 -4.09
C ASP A 9 7.40 -2.76 -2.96
N ARG A 10 8.61 -2.71 -2.42
CA ARG A 10 8.92 -1.76 -1.34
C ARG A 10 8.85 -0.32 -1.83
N VAL A 11 9.29 -0.07 -3.07
CA VAL A 11 9.20 1.28 -3.62
C VAL A 11 7.74 1.71 -3.76
N LYS A 12 6.89 0.80 -4.25
CA LYS A 12 5.47 1.12 -4.35
C LYS A 12 4.85 1.35 -2.98
N ASP A 13 5.22 0.53 -2.00
CA ASP A 13 4.68 0.69 -0.65
C ASP A 13 5.08 2.02 -0.02
N LEU A 14 6.24 2.55 -0.38
CA LEU A 14 6.64 3.86 0.14
C LEU A 14 5.68 4.94 -0.34
N ALA A 15 5.30 4.89 -1.62
CA ALA A 15 4.34 5.87 -2.13
C ALA A 15 2.95 5.66 -1.54
N THR A 16 2.51 4.41 -1.43
CA THR A 16 1.17 4.14 -0.92
C THR A 16 1.02 4.57 0.53
N VAL A 17 2.11 4.55 1.30
CA VAL A 17 2.03 4.83 2.73
C VAL A 17 2.26 6.30 3.03
N TYR A 18 3.15 6.97 2.28
CA TYR A 18 3.62 8.29 2.69
C TYR A 18 3.23 9.44 1.78
N VAL A 19 2.79 9.18 0.55
CA VAL A 19 2.29 10.22 -0.33
C VAL A 19 0.84 9.99 -0.73
N ASP A 20 0.47 8.74 -1.02
CA ASP A 20 -0.89 8.43 -1.47
C ASP A 20 -1.91 8.46 -0.34
N VAL A 21 -1.48 8.31 0.92
CA VAL A 21 -2.44 8.30 2.02
C VAL A 21 -3.09 9.67 2.21
N LEU A 22 -2.46 10.74 1.72
CA LEU A 22 -3.04 12.06 1.84
C LEU A 22 -4.28 12.20 0.96
N LYS A 23 -4.17 11.80 -0.31
CA LYS A 23 -5.31 11.90 -1.22
C LYS A 23 -6.40 10.89 -0.86
N ASP A 24 -6.00 9.70 -0.39
CA ASP A 24 -7.00 8.71 -0.01
C ASP A 24 -7.80 9.15 1.21
N SER A 25 -7.20 9.98 2.08
CA SER A 25 -7.96 10.55 3.18
C SER A 25 -9.05 11.49 2.67
N GLY A 26 -8.72 12.32 1.69
CA GLY A 26 -9.72 13.20 1.12
C GLY A 26 -10.84 12.45 0.41
N ARG A 27 -10.49 11.35 -0.25
CA ARG A 27 -11.51 10.53 -0.91
C ARG A 27 -12.52 9.98 0.08
N ASP A 28 -12.07 9.68 1.31
CA ASP A 28 -12.99 9.19 2.34
C ASP A 28 -14.01 10.25 2.73
N TYR A 29 -13.57 11.51 2.83
CA TYR A 29 -14.50 12.58 3.18
C TYR A 29 -15.56 12.76 2.11
N VAL A 30 -15.18 12.67 0.84
CA VAL A 30 -16.14 12.78 -0.25
C VAL A 30 -17.08 11.57 -0.24
N SER A 31 -16.52 10.36 -0.06
CA SER A 31 -17.34 9.16 -0.08
C SER A 31 -18.25 9.05 1.13
N GLN A 32 -17.94 9.75 2.22
CA GLN A 32 -18.82 9.74 3.39
C GLN A 32 -20.18 10.32 3.06
N PHE A 33 -20.21 11.42 2.33
CA PHE A 33 -21.44 12.08 1.95
C PHE A 33 -22.03 11.55 0.64
N GLU A 34 -21.18 11.05 -0.25
CA GLU A 34 -21.67 10.50 -1.52
C GLU A 34 -22.51 9.25 -1.28
N GLY A 35 -22.11 8.41 -0.34
CA GLY A 35 -22.81 7.19 -0.02
C GLY A 35 -23.81 7.29 1.11
N SER A 36 -24.12 8.50 1.57
CA SER A 36 -25.08 8.69 2.65
C SER A 36 -26.51 8.62 2.09
N ALA A 37 -27.48 8.87 2.97
CA ALA A 37 -28.88 8.88 2.54
C ALA A 37 -29.13 10.00 1.53
N LEU A 38 -28.55 11.18 1.77
CA LEU A 38 -28.72 12.28 0.84
C LEU A 38 -28.07 11.99 -0.51
N GLY A 39 -26.87 11.41 -0.50
CA GLY A 39 -26.20 11.11 -1.76
C GLY A 39 -26.95 10.13 -2.62
N LYS A 40 -27.52 9.09 -1.99
CA LYS A 40 -28.34 8.13 -2.73
C LYS A 40 -29.58 8.79 -3.31
N GLN A 41 -30.23 9.68 -2.53
CA GLN A 41 -31.44 10.34 -3.00
C GLN A 41 -31.15 11.29 -4.16
N LEU A 42 -30.01 12.00 -4.11
CA LEU A 42 -29.66 12.95 -5.15
C LEU A 42 -29.05 12.30 -6.38
N ASN A 43 -28.80 10.99 -6.35
CA ASN A 43 -28.12 10.28 -7.44
C ASN A 43 -26.77 10.93 -7.75
N LEU A 44 -26.02 11.24 -6.69
CA LEU A 44 -24.72 11.89 -6.85
C LEU A 44 -23.70 10.94 -7.45
N LYS A 45 -22.94 11.43 -8.42
CA LYS A 45 -21.81 10.70 -9.01
C LYS A 45 -20.58 11.58 -8.90
N LEU A 46 -19.88 11.47 -7.77
CA LEU A 46 -18.73 12.32 -7.48
C LEU A 46 -17.39 11.64 -7.73
N LEU A 47 -17.31 10.33 -7.51
CA LEU A 47 -16.06 9.58 -7.62
C LEU A 47 -15.84 8.98 -9.00
N ASP A 48 -16.67 9.31 -9.98
CA ASP A 48 -16.49 8.77 -11.33
C ASP A 48 -15.15 9.17 -11.92
N ASN A 49 -14.73 10.42 -11.74
CA ASN A 49 -13.45 10.91 -12.25
C ASN A 49 -12.68 11.52 -11.07
N TRP A 50 -12.07 10.65 -10.28
CA TRP A 50 -11.29 11.07 -9.12
C TRP A 50 -9.86 10.55 -9.14
N ASP A 51 -9.64 9.34 -9.65
CA ASP A 51 -8.29 8.79 -9.71
C ASP A 51 -7.42 9.58 -10.68
N SER A 52 -6.15 9.74 -10.33
CA SER A 52 -5.21 10.43 -11.20
C SER A 52 -5.00 9.66 -12.49
N VAL A 53 -4.82 10.38 -13.59
CA VAL A 53 -4.57 9.73 -14.88
C VAL A 53 -3.26 8.95 -14.82
N THR A 54 -2.22 9.54 -14.23
CA THR A 54 -0.94 8.87 -14.04
C THR A 54 -0.73 8.62 -12.54
N SER A 55 -0.47 7.37 -12.19
CA SER A 55 -0.27 7.01 -10.80
C SER A 55 1.02 7.63 -10.26
N THR A 56 1.06 7.84 -8.94
CA THR A 56 2.23 8.44 -8.32
C THR A 56 3.46 7.56 -8.44
N PHE A 57 3.27 6.23 -8.52
CA PHE A 57 4.40 5.34 -8.72
C PHE A 57 5.03 5.53 -10.09
N SER A 58 4.19 5.76 -11.11
CA SER A 58 4.72 6.04 -12.44
C SER A 58 5.50 7.35 -12.47
N LYS A 59 5.04 8.35 -11.72
CA LYS A 59 5.75 9.62 -11.66
C LYS A 59 7.14 9.43 -11.03
N LEU A 60 7.23 8.59 -10.01
CA LEU A 60 8.53 8.33 -9.38
C LEU A 60 9.49 7.64 -10.34
N ARG A 61 8.99 6.70 -11.13
CA ARG A 61 9.86 5.98 -12.07
C ARG A 61 10.35 6.89 -13.19
N GLU A 62 9.53 7.84 -13.63
CA GLU A 62 9.97 8.77 -14.68
C GLU A 62 11.15 9.62 -14.20
N GLN A 63 11.10 10.08 -12.95
CA GLN A 63 12.18 10.89 -12.39
C GLN A 63 13.43 10.07 -12.07
N LEU A 64 13.32 8.74 -12.08
CA LEU A 64 14.43 7.84 -11.78
C LEU A 64 14.58 6.80 -12.89
N GLY A 65 14.81 7.29 -14.10
CA GLY A 65 14.92 6.44 -15.27
C GLY A 65 16.01 5.39 -15.14
N PRO A 66 17.26 5.81 -15.12
CA PRO A 66 18.36 4.84 -14.95
C PRO A 66 18.41 4.32 -13.52
N VAL A 67 18.70 3.04 -13.39
CA VAL A 67 18.80 2.37 -12.09
C VAL A 67 19.99 1.42 -12.10
N THR A 68 20.74 1.40 -11.01
CA THR A 68 21.91 0.54 -10.88
C THR A 68 21.88 -0.11 -9.50
N GLN A 69 22.71 -1.15 -9.35
CA GLN A 69 22.78 -1.88 -8.08
C GLN A 69 23.26 -0.99 -6.93
N GLU A 70 23.96 0.11 -7.23
CA GLU A 70 24.38 1.02 -6.17
C GLU A 70 23.18 1.65 -5.48
N PHE A 71 22.14 2.00 -6.25
CA PHE A 71 20.94 2.57 -5.66
C PHE A 71 20.25 1.57 -4.74
N TRP A 72 20.15 0.30 -5.16
CA TRP A 72 19.52 -0.70 -4.32
C TRP A 72 20.30 -0.95 -3.04
N ASP A 73 21.63 -0.98 -3.13
CA ASP A 73 22.45 -1.15 -1.93
C ASP A 73 22.28 0.02 -0.97
N ASN A 74 22.26 1.24 -1.49
CA ASN A 74 22.02 2.40 -0.64
C ASN A 74 20.60 2.41 -0.10
N LEU A 75 19.64 1.86 -0.85
CA LEU A 75 18.27 1.81 -0.37
C LEU A 75 18.15 0.94 0.88
N GLU A 76 18.80 -0.22 0.89
CA GLU A 76 18.73 -1.09 2.06
C GLU A 76 19.37 -0.43 3.28
N LYS A 77 20.47 0.28 3.08
CA LYS A 77 21.16 0.90 4.22
C LYS A 77 20.40 2.11 4.75
N GLU A 78 19.78 2.90 3.87
CA GLU A 78 19.24 4.20 4.23
C GLU A 78 17.72 4.26 4.09
N THR A 79 17.04 3.13 4.19
CA THR A 79 15.58 3.17 4.19
C THR A 79 15.03 3.65 5.53
N GLU A 80 15.74 3.33 6.61
CA GLU A 80 15.30 3.80 7.94
C GLU A 80 15.30 5.32 8.01
N GLY A 81 16.37 5.95 7.51
CA GLY A 81 16.40 7.40 7.49
C GLY A 81 15.34 8.00 6.59
N LEU A 82 15.14 7.40 5.42
CA LEU A 82 14.09 7.87 4.51
C LEU A 82 12.71 7.70 5.14
N ARG A 83 12.47 6.58 5.82
CA ARG A 83 11.17 6.34 6.43
C ARG A 83 10.88 7.34 7.54
N GLN A 84 11.89 7.68 8.34
CA GLN A 84 11.68 8.62 9.44
C GLN A 84 11.41 10.03 8.93
N GLU A 85 12.15 10.46 7.90
CA GLU A 85 11.96 11.81 7.37
C GLU A 85 10.57 11.98 6.75
N MET A 86 10.12 10.99 5.98
CA MET A 86 8.82 11.10 5.34
C MET A 86 7.69 11.07 6.36
N SER A 87 7.84 10.28 7.42
CA SER A 87 6.82 10.22 8.46
C SER A 87 6.69 11.57 9.17
N LYS A 88 7.81 12.22 9.47
CA LYS A 88 7.75 13.53 10.12
C LYS A 88 7.11 14.57 9.21
N ASP A 89 7.45 14.56 7.92
CA ASP A 89 6.87 15.52 6.99
C ASP A 89 5.38 15.28 6.81
N LEU A 90 4.97 14.01 6.77
CA LEU A 90 3.55 13.69 6.58
C LEU A 90 2.71 14.22 7.73
N GLU A 91 3.20 14.10 8.96
CA GLU A 91 2.44 14.59 10.11
C GLU A 91 2.28 16.11 10.05
N GLU A 92 3.31 16.81 9.56
CA GLU A 92 3.20 18.26 9.40
C GLU A 92 2.10 18.64 8.41
N VAL A 93 2.02 17.91 7.29
CA VAL A 93 1.04 18.25 6.26
C VAL A 93 -0.38 17.94 6.73
N LYS A 94 -0.57 16.80 7.39
CA LYS A 94 -1.90 16.40 7.83
C LYS A 94 -2.49 17.42 8.80
N ALA A 95 -1.68 17.88 9.76
CA ALA A 95 -2.15 18.91 10.68
C ALA A 95 -2.41 20.23 9.97
N LYS A 96 -1.59 20.56 8.97
CA LYS A 96 -1.76 21.81 8.24
C LYS A 96 -3.02 21.78 7.38
N VAL A 97 -3.32 20.63 6.75
CA VAL A 97 -4.51 20.52 5.91
C VAL A 97 -5.74 20.10 6.69
N GLN A 98 -5.60 19.79 7.98
CA GLN A 98 -6.76 19.39 8.79
C GLN A 98 -7.84 20.46 8.86
N PRO A 99 -7.55 21.74 9.10
CA PRO A 99 -8.64 22.72 9.14
C PRO A 99 -9.42 22.82 7.84
N TYR A 100 -8.77 22.64 6.70
CA TYR A 100 -9.50 22.64 5.42
C TYR A 100 -10.42 21.43 5.33
N LEU A 101 -9.94 20.25 5.76
CA LEU A 101 -10.80 19.07 5.78
C LEU A 101 -11.96 19.25 6.74
N ASP A 102 -11.69 19.84 7.92
CA ASP A 102 -12.77 20.14 8.85
C ASP A 102 -13.73 21.15 8.26
N ASP A 103 -13.21 22.16 7.57
CA ASP A 103 -14.07 23.14 6.90
C ASP A 103 -14.92 22.48 5.82
N PHE A 104 -14.33 21.56 5.06
CA PHE A 104 -15.08 20.88 4.00
C PHE A 104 -16.24 20.07 4.58
N GLN A 105 -16.00 19.34 5.67
CA GLN A 105 -17.06 18.55 6.27
C GLN A 105 -18.09 19.44 6.96
N LYS A 106 -17.63 20.50 7.64
CA LYS A 106 -18.55 21.35 8.39
C LYS A 106 -19.51 22.08 7.46
N LYS A 107 -18.98 22.68 6.38
CA LYS A 107 -19.85 23.39 5.45
C LYS A 107 -20.78 22.44 4.71
N TRP A 108 -20.34 21.20 4.46
CA TRP A 108 -21.21 20.21 3.82
C TRP A 108 -22.34 19.80 4.76
N GLN A 109 -22.03 19.57 6.03
CA GLN A 109 -23.05 19.14 6.99
C GLN A 109 -24.12 20.22 7.18
N GLU A 110 -23.77 21.49 7.02
CA GLU A 110 -24.77 22.55 7.10
C GLU A 110 -25.80 22.40 6.00
N GLU A 111 -25.37 22.05 4.79
CA GLU A 111 -26.31 21.84 3.69
C GLU A 111 -27.21 20.65 3.93
N MET A 112 -26.70 19.62 4.62
CA MET A 112 -27.52 18.44 4.90
C MET A 112 -28.69 18.77 5.82
N GLU A 113 -28.44 19.59 6.84
CA GLU A 113 -29.52 19.98 7.75
C GLU A 113 -30.57 20.81 7.02
N LEU A 114 -30.15 21.74 6.16
CA LEU A 114 -31.09 22.52 5.38
C LEU A 114 -31.88 21.65 4.42
N TYR A 115 -31.20 20.69 3.78
CA TYR A 115 -31.89 19.81 2.83
C TYR A 115 -32.92 18.94 3.53
N ARG A 116 -32.56 18.36 4.67
CA ARG A 116 -33.43 17.39 5.33
C ARG A 116 -34.74 18.04 5.78
N GLN A 117 -34.67 19.24 6.32
CA GLN A 117 -35.88 19.92 6.79
C GLN A 117 -36.78 20.38 5.65
N LYS A 118 -36.29 20.34 4.40
CA LYS A 118 -37.12 20.67 3.25
C LYS A 118 -37.69 19.45 2.53
N VAL A 119 -37.12 18.26 2.75
CA VAL A 119 -37.61 17.06 2.09
C VAL A 119 -38.38 16.14 3.03
N GLU A 120 -38.04 16.11 4.32
CA GLU A 120 -38.80 15.31 5.27
C GLU A 120 -40.28 15.68 5.34
N PRO A 121 -40.67 16.97 5.37
CA PRO A 121 -42.11 17.28 5.32
C PRO A 121 -42.79 16.77 4.06
N LEU A 122 -42.10 16.77 2.91
CA LEU A 122 -42.70 16.26 1.69
C LEU A 122 -42.91 14.75 1.74
N ARG A 123 -42.03 14.02 2.43
CA ARG A 123 -42.19 12.57 2.52
C ARG A 123 -43.49 12.21 3.23
N ALA A 124 -43.82 12.93 4.31
CA ALA A 124 -45.08 12.68 5.01
C ALA A 124 -46.28 13.03 4.14
N GLU A 125 -46.20 14.13 3.37
CA GLU A 125 -47.31 14.54 2.52
C GLU A 125 -47.55 13.54 1.39
N LEU A 126 -46.48 13.02 0.78
CA LEU A 126 -46.65 12.11 -0.35
C LEU A 126 -47.20 10.76 0.06
N GLN A 127 -46.93 10.33 1.30
CA GLN A 127 -47.42 9.07 1.86
C GLN A 127 -46.89 7.93 1.00
N GLU A 128 -47.75 7.09 0.41
CA GLU A 128 -47.29 5.93 -0.35
C GLU A 128 -46.63 6.34 -1.66
N GLY A 129 -46.85 7.56 -2.14
CA GLY A 129 -46.27 8.04 -3.37
C GLY A 129 -44.89 8.66 -3.25
N ALA A 130 -44.29 8.63 -2.07
CA ALA A 130 -43.00 9.27 -1.87
C ALA A 130 -41.89 8.58 -2.66
N ARG A 131 -41.98 7.26 -2.82
CA ARG A 131 -40.92 6.53 -3.52
C ARG A 131 -40.79 6.96 -4.97
N GLN A 132 -41.92 7.14 -5.66
CA GLN A 132 -41.89 7.44 -7.08
C GLN A 132 -41.94 8.93 -7.38
N LYS A 133 -42.65 9.71 -6.56
CA LYS A 133 -42.72 11.15 -6.80
C LYS A 133 -41.36 11.82 -6.59
N LEU A 134 -40.60 11.37 -5.58
CA LEU A 134 -39.30 11.96 -5.30
C LEU A 134 -38.25 11.59 -6.35
N HIS A 135 -38.56 10.70 -7.28
CA HIS A 135 -37.63 10.38 -8.36
C HIS A 135 -37.40 11.59 -9.27
N GLU A 136 -38.31 12.56 -9.27
CA GLU A 136 -38.08 13.79 -10.02
C GLU A 136 -36.90 14.58 -9.48
N LEU A 137 -36.52 14.36 -8.22
CA LEU A 137 -35.38 15.05 -7.63
C LEU A 137 -34.05 14.65 -8.26
N GLN A 138 -34.02 13.56 -9.02
CA GLN A 138 -32.84 13.12 -9.74
C GLN A 138 -32.79 13.63 -11.18
N GLU A 139 -33.77 14.42 -11.60
CA GLU A 139 -33.89 14.86 -12.98
C GLU A 139 -33.51 16.34 -13.10
N LYS A 140 -33.48 16.82 -14.34
CA LYS A 140 -33.03 18.17 -14.62
C LYS A 140 -34.04 19.22 -14.16
N LEU A 141 -35.33 18.89 -14.19
CA LEU A 141 -36.36 19.88 -13.91
C LEU A 141 -36.38 20.34 -12.45
N SER A 142 -35.75 19.59 -11.56
CA SER A 142 -35.75 19.95 -10.15
C SER A 142 -34.74 21.05 -9.89
N PRO A 143 -35.14 22.21 -9.35
CA PRO A 143 -34.17 23.27 -9.05
C PRO A 143 -33.19 22.89 -7.94
N LEU A 144 -33.73 22.38 -6.82
CA LEU A 144 -32.86 22.04 -5.69
C LEU A 144 -31.92 20.90 -6.03
N GLY A 145 -32.41 19.88 -6.76
CA GLY A 145 -31.56 18.77 -7.11
C GLY A 145 -30.40 19.17 -8.00
N GLU A 146 -30.65 20.04 -8.98
CA GLU A 146 -29.58 20.54 -9.82
C GLU A 146 -28.63 21.43 -9.03
N GLU A 147 -29.17 22.24 -8.11
CA GLU A 147 -28.32 23.08 -7.28
C GLU A 147 -27.42 22.24 -6.38
N MET A 148 -27.98 21.19 -5.77
CA MET A 148 -27.18 20.34 -4.89
C MET A 148 -26.08 19.63 -5.67
N ARG A 149 -26.39 19.13 -6.87
CA ARG A 149 -25.38 18.44 -7.66
C ARG A 149 -24.26 19.39 -8.09
N ASP A 150 -24.61 20.61 -8.50
CA ASP A 150 -23.60 21.59 -8.86
C ASP A 150 -22.73 21.95 -7.66
N ARG A 151 -23.34 22.15 -6.50
CA ARG A 151 -22.57 22.44 -5.30
C ARG A 151 -21.74 21.24 -4.87
N ALA A 152 -22.23 20.02 -5.11
CA ALA A 152 -21.44 18.83 -4.81
C ALA A 152 -20.18 18.77 -5.67
N ARG A 153 -20.32 19.04 -6.96
CA ARG A 153 -19.15 19.05 -7.84
C ARG A 153 -18.18 20.16 -7.46
N ALA A 154 -18.70 21.33 -7.08
CA ALA A 154 -17.85 22.45 -6.72
C ALA A 154 -17.02 22.14 -5.47
N HIS A 155 -17.63 21.50 -4.48
CA HIS A 155 -16.91 21.22 -3.24
C HIS A 155 -15.84 20.17 -3.43
N VAL A 156 -16.14 19.09 -4.17
CA VAL A 156 -15.17 18.01 -4.34
C VAL A 156 -13.99 18.47 -5.19
N ASP A 157 -14.27 19.27 -6.23
CA ASP A 157 -13.19 19.76 -7.08
C ASP A 157 -12.32 20.77 -6.35
N ALA A 158 -12.93 21.60 -5.49
CA ALA A 158 -12.15 22.54 -4.68
C ALA A 158 -11.25 21.79 -3.70
N LEU A 159 -11.77 20.73 -3.09
CA LEU A 159 -10.96 19.93 -2.18
C LEU A 159 -9.81 19.26 -2.91
N ARG A 160 -10.07 18.73 -4.11
CA ARG A 160 -9.03 18.03 -4.86
C ARG A 160 -7.88 18.98 -5.22
N THR A 161 -8.21 20.20 -5.65
CA THR A 161 -7.17 21.16 -6.01
C THR A 161 -6.45 21.72 -4.79
N HIS A 162 -7.07 21.69 -3.61
CA HIS A 162 -6.42 22.25 -2.43
C HIS A 162 -5.30 21.35 -1.94
N LEU A 163 -5.52 20.04 -1.90
CA LEU A 163 -4.52 19.09 -1.43
C LEU A 163 -3.59 18.61 -2.54
N ALA A 164 -3.84 19.00 -3.79
CA ALA A 164 -2.96 18.58 -4.88
C ALA A 164 -1.54 19.09 -4.71
N PRO A 165 -1.28 20.36 -4.39
CA PRO A 165 0.12 20.78 -4.16
C PRO A 165 0.79 20.03 -3.02
N TYR A 166 0.04 19.68 -1.96
CA TYR A 166 0.63 18.95 -0.85
C TYR A 166 1.05 17.55 -1.27
N SER A 167 0.23 16.87 -2.06
CA SER A 167 0.60 15.55 -2.56
C SER A 167 1.81 15.62 -3.48
N ASP A 168 1.87 16.66 -4.32
CA ASP A 168 3.04 16.85 -5.17
C ASP A 168 4.29 17.12 -4.35
N GLU A 169 4.17 17.91 -3.29
CA GLU A 169 5.32 18.19 -2.44
C GLU A 169 5.84 16.93 -1.76
N LEU A 170 4.92 16.08 -1.26
CA LEU A 170 5.33 14.83 -0.64
C LEU A 170 6.02 13.92 -1.64
N ARG A 171 5.48 13.83 -2.86
CA ARG A 171 6.10 13.01 -3.89
C ARG A 171 7.47 13.55 -4.28
N GLN A 172 7.58 14.88 -4.35
CA GLN A 172 8.86 15.49 -4.72
C GLN A 172 9.94 15.18 -3.70
N ARG A 173 9.61 15.26 -2.41
CA ARG A 173 10.59 14.92 -1.38
C ARG A 173 10.97 13.45 -1.45
N LEU A 174 10.00 12.57 -1.69
CA LEU A 174 10.30 11.15 -1.84
C LEU A 174 11.17 10.89 -3.05
N ALA A 175 10.89 11.58 -4.16
CA ALA A 175 11.72 11.43 -5.35
C ALA A 175 13.14 11.96 -5.11
N ALA A 176 13.26 13.11 -4.43
CA ALA A 176 14.57 13.66 -4.15
C ALA A 176 15.38 12.74 -3.23
N ARG A 177 14.72 12.16 -2.22
CA ARG A 177 15.41 11.23 -1.33
C ARG A 177 15.91 10.00 -2.09
N LEU A 178 15.10 9.47 -3.01
CA LEU A 178 15.53 8.32 -3.78
C LEU A 178 16.59 8.69 -4.81
N GLU A 179 16.53 9.91 -5.35
CA GLU A 179 17.50 10.33 -6.35
C GLU A 179 18.90 10.47 -5.72
N ALA A 180 18.96 10.94 -4.48
CA ALA A 180 20.23 11.13 -3.80
C ALA A 180 20.96 9.82 -3.53
N LEU A 181 20.25 8.69 -3.50
CA LEU A 181 20.89 7.42 -3.22
C LEU A 181 21.79 6.97 -4.37
N LYS A 182 21.40 7.28 -5.62
CA LYS A 182 22.22 6.87 -6.77
C LYS A 182 23.58 7.55 -6.76
N GLU A 183 23.61 8.85 -6.43
CA GLU A 183 24.83 9.64 -6.44
C GLU A 183 25.51 9.62 -7.80
N GLU B 1 -43.56 40.47 0.46
CA GLU B 1 -44.19 39.18 0.18
C GLU B 1 -43.79 38.67 -1.20
N VAL B 2 -44.12 37.41 -1.48
CA VAL B 2 -43.82 36.81 -2.76
C VAL B 2 -44.91 37.19 -3.76
N GLN B 3 -44.50 37.72 -4.91
CA GLN B 3 -45.46 38.15 -5.93
C GLN B 3 -44.84 38.02 -7.30
N LEU B 4 -45.70 37.96 -8.31
CA LEU B 4 -45.28 37.85 -9.70
C LEU B 4 -45.91 38.98 -10.50
N GLN B 5 -45.09 39.75 -11.19
CA GLN B 5 -45.54 40.89 -11.98
C GLN B 5 -45.48 40.52 -13.45
N GLN B 6 -46.62 40.60 -14.13
CA GLN B 6 -46.72 40.28 -15.55
C GLN B 6 -46.88 41.55 -16.35
N SER B 7 -46.58 41.46 -17.65
CA SER B 7 -46.65 42.59 -18.53
C SER B 7 -48.11 42.95 -18.82
N GLY B 8 -48.30 44.13 -19.41
CA GLY B 8 -49.61 44.63 -19.70
C GLY B 8 -50.23 43.91 -20.89
N PRO B 9 -51.47 44.29 -21.21
CA PRO B 9 -52.17 43.65 -22.33
C PRO B 9 -51.41 43.82 -23.64
N GLU B 10 -51.48 42.79 -24.49
CA GLU B 10 -50.74 42.75 -25.73
C GLU B 10 -51.68 42.52 -26.90
N LEU B 11 -51.45 43.25 -27.98
CA LEU B 11 -52.18 43.10 -29.23
C LEU B 11 -51.21 42.71 -30.32
N VAL B 12 -51.47 41.57 -30.97
CA VAL B 12 -50.60 41.05 -32.01
C VAL B 12 -51.44 40.67 -33.22
N LYS B 13 -50.97 41.02 -34.41
CA LYS B 13 -51.69 40.68 -35.62
C LYS B 13 -51.59 39.18 -35.90
N PRO B 14 -52.56 38.61 -36.61
CA PRO B 14 -52.46 37.20 -36.98
C PRO B 14 -51.21 36.93 -37.80
N GLY B 15 -50.56 35.80 -37.50
CA GLY B 15 -49.31 35.46 -38.15
C GLY B 15 -48.08 36.02 -37.47
N GLY B 16 -48.25 36.89 -36.47
CA GLY B 16 -47.14 37.47 -35.75
C GLY B 16 -46.69 36.60 -34.59
N SER B 17 -45.80 37.18 -33.78
CA SER B 17 -45.24 36.49 -32.63
C SER B 17 -45.44 37.33 -31.38
N LEU B 18 -45.42 36.66 -30.23
CA LEU B 18 -45.70 37.30 -28.95
C LEU B 18 -44.67 36.84 -27.91
N LYS B 19 -44.40 37.72 -26.95
CA LYS B 19 -43.49 37.41 -25.85
C LYS B 19 -44.00 38.06 -24.58
N LEU B 20 -44.27 37.26 -23.56
CA LEU B 20 -44.77 37.74 -22.28
C LEU B 20 -43.66 37.83 -21.24
N SER B 21 -43.89 38.67 -20.23
CA SER B 21 -42.95 38.87 -19.14
C SER B 21 -43.60 38.45 -17.82
N CYS B 22 -42.78 37.93 -16.92
CA CYS B 22 -43.26 37.51 -15.59
C CYS B 22 -42.12 37.75 -14.61
N LYS B 23 -42.15 38.91 -13.95
CA LYS B 23 -41.09 39.30 -13.03
C LYS B 23 -41.38 38.79 -11.63
N ALA B 24 -40.39 38.14 -11.02
CA ALA B 24 -40.53 37.55 -9.69
C ALA B 24 -39.77 38.38 -8.67
N SER B 25 -40.33 38.46 -7.45
CA SER B 25 -39.70 39.18 -6.36
C SER B 25 -40.15 38.57 -5.05
N GLY B 26 -39.38 38.83 -4.00
CA GLY B 26 -39.66 38.30 -2.68
C GLY B 26 -39.19 36.89 -2.43
N UNK B 27 -38.54 36.26 -3.41
CA UNK B 27 -38.04 34.90 -3.27
C UNK B 27 -36.88 34.71 -4.24
N UNK B 28 -36.34 33.50 -4.26
CA UNK B 28 -35.25 33.16 -5.17
C UNK B 28 -35.84 32.63 -6.48
N UNK B 29 -35.55 33.33 -7.58
CA UNK B 29 -36.10 32.94 -8.87
C UNK B 29 -35.61 31.55 -9.28
N UNK B 30 -34.33 31.27 -9.09
CA UNK B 30 -33.77 29.97 -9.46
C UNK B 30 -34.16 28.86 -8.50
N UNK B 31 -34.79 29.17 -7.37
CA UNK B 31 -35.11 28.17 -6.37
C UNK B 31 -36.35 27.35 -6.66
N UNK B 32 -37.28 27.87 -7.46
CA UNK B 32 -38.53 27.17 -7.71
C UNK B 32 -38.87 27.19 -9.20
N UNK B 33 -39.51 26.13 -9.67
CA UNK B 33 -39.92 26.04 -11.06
C UNK B 33 -41.10 26.97 -11.33
N MET B 34 -41.15 27.49 -12.55
CA MET B 34 -42.17 28.44 -12.99
C MET B 34 -43.11 27.79 -13.98
N ASN B 35 -44.41 27.99 -13.79
CA ASN B 35 -45.43 27.42 -14.65
C ASN B 35 -46.15 28.51 -15.44
N TRP B 36 -46.75 28.11 -16.56
CA TRP B 36 -47.56 29.00 -17.38
C TRP B 36 -48.90 28.32 -17.66
N VAL B 37 -49.99 29.06 -17.45
CA VAL B 37 -51.35 28.54 -17.61
C VAL B 37 -52.11 29.46 -18.55
N ARG B 38 -52.78 28.88 -19.54
CA ARG B 38 -53.60 29.62 -20.49
C ARG B 38 -55.08 29.39 -20.19
N GLN B 39 -55.85 30.47 -20.15
CA GLN B 39 -57.28 30.38 -19.92
C GLN B 39 -58.00 31.28 -20.90
N SER B 40 -58.82 30.70 -21.77
CA SER B 40 -59.66 31.48 -22.66
C SER B 40 -60.83 32.06 -21.88
N HIS B 41 -61.55 32.99 -22.51
CA HIS B 41 -62.68 33.63 -21.86
C HIS B 41 -63.78 32.61 -21.59
N GLY B 42 -64.14 32.44 -20.32
CA GLY B 42 -65.16 31.49 -19.96
C GLY B 42 -64.80 30.05 -20.26
N LYS B 43 -63.52 29.70 -20.15
CA LYS B 43 -63.03 28.35 -20.43
C LYS B 43 -62.23 27.86 -19.23
N SER B 44 -61.76 26.62 -19.33
CA SER B 44 -61.02 26.00 -18.24
C SER B 44 -59.56 26.42 -18.27
N LEU B 45 -58.91 26.29 -17.11
CA LEU B 45 -57.47 26.51 -17.03
C LEU B 45 -56.73 25.41 -17.79
N GLU B 46 -55.69 25.80 -18.52
CA GLU B 46 -54.92 24.87 -19.33
C GLU B 46 -53.44 25.06 -19.04
N TRP B 47 -52.81 24.00 -18.53
CA TRP B 47 -51.38 24.06 -18.24
C TRP B 47 -50.59 24.06 -19.56
N VAL B 48 -49.69 25.03 -19.71
CA VAL B 48 -48.94 25.18 -20.94
C VAL B 48 -47.62 24.44 -20.83
N ALA B 49 -46.77 24.87 -19.91
CA ALA B 49 -45.44 24.32 -19.76
C ALA B 49 -44.86 24.76 -18.42
N UNK B 50 -43.66 24.27 -18.12
CA UNK B 50 -42.93 24.66 -16.92
C UNK B 50 -41.48 24.89 -17.29
N UNK B 51 -40.81 25.71 -16.49
CA UNK B 51 -39.40 26.02 -16.72
C UNK B 51 -38.65 25.99 -15.40
N UNK B 52 -37.47 25.35 -15.42
CA UNK B 52 -36.56 25.37 -14.29
C UNK B 52 -35.66 26.58 -14.43
N UNK B 53 -35.87 27.59 -13.58
CA UNK B 53 -35.15 28.84 -13.72
C UNK B 53 -33.65 28.66 -13.52
N UNK B 54 -33.26 27.80 -12.58
CA UNK B 54 -31.84 27.60 -12.29
C UNK B 54 -31.10 27.00 -13.48
N UNK B 55 -31.70 26.00 -14.13
CA UNK B 55 -31.02 25.27 -15.19
C UNK B 55 -31.53 25.58 -16.59
N UNK B 56 -32.72 26.17 -16.73
CA UNK B 56 -33.28 26.44 -18.03
C UNK B 56 -34.03 25.29 -18.65
N UNK B 57 -34.18 24.17 -17.97
CA UNK B 57 -34.93 23.06 -18.52
C UNK B 57 -36.40 23.42 -18.69
N UNK B 58 -36.99 22.90 -19.76
CA UNK B 58 -38.38 23.21 -20.11
C UNK B 58 -39.15 21.92 -20.33
N ALA B 59 -40.41 21.90 -19.88
CA ALA B 59 -41.29 20.76 -20.06
C ALA B 59 -42.60 21.25 -20.65
N TYR B 60 -42.83 20.95 -21.93
CA TYR B 60 -44.03 21.37 -22.63
C TYR B 60 -45.03 20.22 -22.71
N ASN B 61 -46.32 20.57 -22.72
CA ASN B 61 -47.36 19.59 -22.92
C ASN B 61 -47.57 19.34 -24.41
N GLN B 62 -48.49 18.43 -24.73
CA GLN B 62 -48.73 18.09 -26.13
C GLN B 62 -49.40 19.23 -26.89
N LYS B 63 -50.24 20.02 -26.21
CA LYS B 63 -50.94 21.11 -26.88
C LYS B 63 -49.97 22.17 -27.38
N PHE B 64 -48.98 22.54 -26.56
CA PHE B 64 -48.06 23.63 -26.86
C PHE B 64 -46.63 23.14 -26.94
N LYS B 65 -46.43 21.95 -27.52
CA LYS B 65 -45.08 21.38 -27.62
C LYS B 65 -44.19 22.25 -28.51
N GLY B 66 -44.71 22.70 -29.65
CA GLY B 66 -43.93 23.49 -30.57
C GLY B 66 -44.43 24.92 -30.72
N LYS B 67 -45.68 25.16 -30.32
CA LYS B 67 -46.25 26.49 -30.47
C LYS B 67 -45.70 27.47 -29.45
N ALA B 68 -45.33 26.99 -28.27
CA ALA B 68 -44.84 27.84 -27.19
C ALA B 68 -43.38 27.54 -26.90
N THR B 69 -42.67 28.57 -26.44
CA THR B 69 -41.27 28.45 -26.07
C THR B 69 -41.03 29.23 -24.79
N LEU B 70 -40.40 28.58 -23.81
CA LEU B 70 -40.16 29.18 -22.49
C LEU B 70 -38.68 29.48 -22.33
N THR B 71 -38.38 30.68 -21.84
CA THR B 71 -37.02 31.10 -21.56
C THR B 71 -36.98 31.79 -20.20
N VAL B 72 -35.78 31.96 -19.67
CA VAL B 72 -35.56 32.58 -18.37
C VAL B 72 -34.40 33.54 -18.47
N ASP B 73 -34.51 34.67 -17.77
CA ASP B 73 -33.42 35.64 -17.64
C ASP B 73 -33.02 35.67 -16.17
N LYS B 74 -31.87 35.06 -15.85
CA LYS B 74 -31.44 34.95 -14.47
C LYS B 74 -31.16 36.31 -13.86
N SER B 75 -30.49 37.19 -14.61
CA SER B 75 -30.07 38.47 -14.07
C SER B 75 -31.27 39.35 -13.69
N SER B 76 -32.29 39.38 -14.54
CA SER B 76 -33.48 40.19 -14.25
C SER B 76 -34.53 39.45 -13.46
N SER B 77 -34.34 38.15 -13.21
CA SER B 77 -35.29 37.33 -12.45
C SER B 77 -36.69 37.37 -13.07
N THR B 78 -36.75 37.28 -14.39
CA THR B 78 -38.02 37.28 -15.12
C THR B 78 -38.10 36.04 -16.00
N ALA B 79 -39.32 35.50 -16.13
CA ALA B 79 -39.59 34.37 -16.99
C ALA B 79 -40.39 34.83 -18.20
N TYR B 80 -40.02 34.32 -19.38
CA TYR B 80 -40.61 34.74 -20.64
C TYR B 80 -41.33 33.56 -21.29
N MET B 81 -42.47 33.86 -21.92
CA MET B 81 -43.21 32.90 -22.72
C MET B 81 -43.40 33.47 -24.11
N GLU B 82 -43.10 32.69 -25.14
CA GLU B 82 -43.16 33.14 -26.52
C GLU B 82 -44.08 32.25 -27.34
N LEU B 83 -44.98 32.86 -28.09
CA LEU B 83 -45.89 32.16 -28.98
C LEU B 83 -45.56 32.52 -30.43
N SER B 84 -45.55 31.50 -31.29
CA SER B 84 -45.21 31.66 -32.69
C SER B 84 -46.46 31.51 -33.56
N SER B 85 -46.65 32.46 -34.47
CA SER B 85 -47.75 32.42 -35.44
C SER B 85 -49.11 32.34 -34.72
N LEU B 86 -49.40 33.37 -33.95
CA LEU B 86 -50.66 33.43 -33.21
C LEU B 86 -51.85 33.59 -34.15
N THR B 87 -53.00 33.09 -33.70
CA THR B 87 -54.25 33.17 -34.43
C THR B 87 -55.34 33.68 -33.47
N SER B 88 -56.56 33.78 -33.99
CA SER B 88 -57.68 34.21 -33.16
C SER B 88 -57.95 33.25 -32.02
N GLU B 89 -57.67 31.95 -32.23
CA GLU B 89 -57.87 30.96 -31.18
C GLU B 89 -56.87 31.12 -30.03
N ASP B 90 -55.76 31.83 -30.27
CA ASP B 90 -54.76 32.06 -29.23
C ASP B 90 -55.11 33.23 -28.32
N SER B 91 -56.21 33.94 -28.58
CA SER B 91 -56.63 35.04 -27.74
C SER B 91 -57.15 34.52 -26.41
N ALA B 92 -56.38 34.72 -25.34
CA ALA B 92 -56.75 34.23 -24.02
C ALA B 92 -55.98 35.03 -22.98
N VAL B 93 -56.11 34.64 -21.71
CA VAL B 93 -55.38 35.24 -20.61
C VAL B 93 -54.35 34.22 -20.13
N TYR B 94 -53.10 34.65 -20.03
CA TYR B 94 -51.99 33.78 -19.68
C TYR B 94 -51.46 34.15 -18.29
N TYR B 95 -51.44 33.18 -17.40
CA TYR B 95 -50.91 33.35 -16.05
C TYR B 95 -49.53 32.69 -15.94
N CYS B 96 -48.73 33.19 -15.00
CA CYS B 96 -47.51 32.52 -14.56
C CYS B 96 -47.62 32.26 -13.07
N ALA B 97 -47.37 31.01 -12.67
CA ALA B 97 -47.52 30.60 -11.29
C ALA B 97 -46.29 29.82 -10.83
N ARG B 98 -45.86 30.10 -9.60
CA ARG B 98 -44.69 29.45 -9.03
C ARG B 98 -45.07 28.11 -8.41
N UNK B 99 -44.20 27.12 -8.59
CA UNK B 99 -44.42 25.82 -7.98
C UNK B 99 -44.31 25.92 -6.47
N UNK B 100 -45.21 25.23 -5.75
CA UNK B 100 -45.23 25.33 -4.31
C UNK B 100 -44.05 24.64 -3.64
N UNK B 101 -43.47 23.66 -4.30
CA UNK B 101 -42.30 22.97 -3.75
C UNK B 101 -41.10 23.91 -3.73
N UNK B 102 -40.29 23.80 -2.68
CA UNK B 102 -39.10 24.64 -2.56
C UNK B 102 -37.94 24.05 -3.36
N UNK B 103 -38.18 23.76 -4.64
CA UNK B 103 -37.18 23.16 -5.49
C UNK B 103 -37.06 21.66 -5.39
N UNK B 104 -37.68 21.04 -4.38
CA UNK B 104 -37.55 19.59 -4.22
C UNK B 104 -38.17 18.84 -5.39
N UNK B 105 -39.32 19.31 -5.87
CA UNK B 105 -40.00 18.69 -7.00
C UNK B 105 -40.32 19.75 -8.04
N UNK B 106 -40.46 19.29 -9.29
CA UNK B 106 -40.76 20.19 -10.40
C UNK B 106 -42.26 20.37 -10.62
N UNK B 107 -42.98 19.26 -10.74
CA UNK B 107 -44.42 19.27 -10.97
C UNK B 107 -45.13 19.14 -9.61
N UNK B 108 -45.68 20.24 -9.12
CA UNK B 108 -46.39 20.25 -7.85
C UNK B 108 -47.49 21.29 -7.92
N UNK B 109 -48.05 21.63 -6.76
CA UNK B 109 -49.10 22.63 -6.69
C UNK B 109 -48.56 24.02 -7.00
N UNK B 110 -49.42 24.86 -7.57
CA UNK B 110 -49.07 26.24 -7.90
C UNK B 110 -49.41 27.13 -6.70
N UNK B 111 -48.38 27.70 -6.08
CA UNK B 111 -48.57 28.44 -4.83
C UNK B 111 -49.06 29.87 -5.10
N UNK B 112 -48.24 30.65 -5.79
CA UNK B 112 -48.54 32.06 -6.04
C UNK B 112 -48.75 32.28 -7.53
N TRP B 113 -49.86 32.91 -7.88
CA TRP B 113 -50.23 33.19 -9.26
C TRP B 113 -49.96 34.65 -9.60
N GLY B 114 -49.62 34.89 -10.86
CA GLY B 114 -49.60 36.25 -11.36
C GLY B 114 -50.99 36.69 -11.78
N GLN B 115 -51.17 38.01 -11.89
CA GLN B 115 -52.48 38.52 -12.25
C GLN B 115 -52.90 38.12 -13.66
N GLY B 116 -51.96 37.79 -14.52
CA GLY B 116 -52.30 37.39 -15.87
C GLY B 116 -52.08 38.51 -16.87
N THR B 117 -51.81 38.12 -18.11
CA THR B 117 -51.65 39.05 -19.23
C THR B 117 -52.71 38.75 -20.28
N LEU B 118 -53.46 39.78 -20.67
CA LEU B 118 -54.52 39.61 -21.66
C LEU B 118 -53.92 39.65 -23.06
N VAL B 119 -54.24 38.66 -23.87
CA VAL B 119 -53.74 38.56 -25.24
C VAL B 119 -54.93 38.49 -26.19
N THR B 120 -54.95 39.41 -27.16
CA THR B 120 -55.97 39.44 -28.19
C THR B 120 -55.29 39.53 -29.54
N VAL B 121 -55.73 38.70 -30.49
CA VAL B 121 -55.15 38.66 -31.83
C VAL B 121 -56.19 39.17 -32.82
N SER B 122 -55.84 40.25 -33.51
CA SER B 122 -56.74 40.85 -34.49
C SER B 122 -55.93 41.73 -35.43
N SER B 123 -56.28 41.71 -36.71
CA SER B 123 -55.64 42.56 -37.70
C SER B 123 -56.33 43.91 -37.85
N ALA B 124 -57.39 44.15 -37.09
CA ALA B 124 -58.12 45.42 -37.19
C ALA B 124 -57.30 46.57 -36.62
N LYS B 125 -57.48 47.74 -37.18
CA LYS B 125 -56.83 48.96 -36.72
C LYS B 125 -57.67 49.63 -35.64
N THR B 126 -57.06 50.61 -34.98
CA THR B 126 -57.77 51.38 -33.95
C THR B 126 -58.87 52.20 -34.60
N THR B 127 -60.12 51.97 -34.19
CA THR B 127 -61.27 52.62 -34.78
C THR B 127 -62.09 53.31 -33.70
N PRO B 128 -62.40 54.60 -33.87
CA PRO B 128 -63.22 55.28 -32.86
C PRO B 128 -64.62 54.71 -32.82
N PRO B 129 -65.28 54.74 -31.67
CA PRO B 129 -66.63 54.17 -31.57
C PRO B 129 -67.67 55.04 -32.24
N SER B 130 -68.77 54.38 -32.61
CA SER B 130 -69.98 55.06 -33.09
C SER B 130 -71.04 54.90 -32.01
N VAL B 131 -71.53 56.02 -31.50
CA VAL B 131 -72.49 56.03 -30.39
C VAL B 131 -73.85 56.45 -30.92
N TYR B 132 -74.86 55.62 -30.69
CA TYR B 132 -76.21 55.85 -31.17
C TYR B 132 -77.17 55.89 -29.99
N PRO B 133 -77.90 56.99 -29.78
CA PRO B 133 -78.87 57.04 -28.69
C PRO B 133 -80.03 56.08 -28.91
N LEU B 134 -80.62 55.62 -27.81
CA LEU B 134 -81.74 54.70 -27.85
C LEU B 134 -82.88 55.29 -27.01
N ALA B 135 -83.98 55.64 -27.67
CA ALA B 135 -85.16 56.19 -27.03
C ALA B 135 -86.36 55.31 -27.29
N PRO B 136 -87.36 55.32 -26.39
CA PRO B 136 -88.53 54.45 -26.60
C PRO B 136 -89.26 54.71 -27.91
N GLY B 137 -89.34 55.96 -28.34
CA GLY B 137 -89.98 56.26 -29.62
C GLY B 137 -91.48 56.32 -29.56
N SER B 138 -92.11 55.14 -29.41
CA SER B 138 -93.57 55.06 -29.36
C SER B 138 -94.17 55.75 -28.15
N ALA B 139 -93.36 56.05 -27.13
CA ALA B 139 -93.83 56.73 -25.91
C ALA B 139 -94.94 55.93 -25.23
N ALA B 140 -94.79 54.61 -25.26
CA ALA B 140 -95.70 53.68 -24.60
C ALA B 140 -95.28 53.42 -23.15
N GLN B 141 -95.02 54.50 -22.41
CA GLN B 141 -94.50 54.41 -21.06
C GLN B 141 -95.58 54.81 -20.06
N THR B 142 -96.26 53.80 -19.51
CA THR B 142 -97.19 54.01 -18.41
C THR B 142 -96.62 53.48 -17.09
N ASN B 143 -95.49 52.77 -17.13
CA ASN B 143 -94.87 52.27 -15.92
C ASN B 143 -94.19 53.41 -15.16
N SER B 144 -93.94 53.16 -13.87
CA SER B 144 -93.29 54.17 -13.03
C SER B 144 -91.85 54.43 -13.45
N MET B 145 -91.22 53.49 -14.15
CA MET B 145 -89.83 53.61 -14.57
C MET B 145 -89.76 53.59 -16.10
N VAL B 146 -88.80 54.34 -16.63
CA VAL B 146 -88.55 54.39 -18.07
C VAL B 146 -87.09 53.99 -18.31
N THR B 147 -86.88 53.13 -19.31
CA THR B 147 -85.57 52.60 -19.62
C THR B 147 -85.02 53.27 -20.87
N LEU B 148 -83.79 53.78 -20.78
CA LEU B 148 -83.10 54.41 -21.89
C LEU B 148 -81.82 53.63 -22.21
N GLY B 149 -81.43 53.63 -23.48
CA GLY B 149 -80.28 52.88 -23.92
C GLY B 149 -79.22 53.70 -24.61
N CYS B 150 -77.99 53.17 -24.66
CA CYS B 150 -76.87 53.82 -25.32
C CYS B 150 -76.10 52.75 -26.07
N LEU B 151 -76.04 52.87 -27.40
CA LEU B 151 -75.42 51.86 -28.25
C LEU B 151 -74.05 52.33 -28.73
N VAL B 152 -73.04 51.51 -28.50
CA VAL B 152 -71.67 51.77 -28.95
C VAL B 152 -71.28 50.66 -29.90
N LYS B 153 -70.93 51.02 -31.14
CA LYS B 153 -70.75 50.04 -32.20
C LYS B 153 -69.49 50.35 -32.98
N GLY B 154 -68.84 49.29 -33.47
CA GLY B 154 -67.73 49.40 -34.40
C GLY B 154 -66.49 50.10 -33.89
N TYR B 155 -65.99 49.70 -32.71
CA TYR B 155 -64.79 50.28 -32.13
C TYR B 155 -63.75 49.20 -31.87
N PHE B 156 -62.48 49.63 -31.86
CA PHE B 156 -61.37 48.74 -31.55
C PHE B 156 -60.21 49.58 -31.05
N PRO B 157 -59.49 49.15 -30.00
CA PRO B 157 -59.81 47.95 -29.20
C PRO B 157 -60.54 48.28 -27.91
N GLU B 158 -60.76 47.24 -27.09
CA GLU B 158 -61.35 47.43 -25.78
C GLU B 158 -60.32 48.05 -24.84
N PRO B 159 -60.77 48.65 -23.72
CA PRO B 159 -62.16 48.80 -23.25
C PRO B 159 -62.80 50.13 -23.63
N VAL B 160 -64.10 50.24 -23.35
CA VAL B 160 -64.84 51.48 -23.50
C VAL B 160 -65.63 51.72 -22.22
N THR B 161 -65.56 52.94 -21.69
CA THR B 161 -66.25 53.31 -20.47
C THR B 161 -67.52 54.07 -20.80
N VAL B 162 -68.65 53.60 -20.27
CA VAL B 162 -69.96 54.22 -20.51
C VAL B 162 -70.52 54.68 -19.17
N THR B 163 -70.88 55.96 -19.09
CA THR B 163 -71.49 56.53 -17.91
C THR B 163 -72.70 57.38 -18.32
N TRP B 164 -73.64 57.53 -17.40
CA TRP B 164 -74.86 58.27 -17.65
C TRP B 164 -74.88 59.54 -16.82
N ASN B 165 -75.09 60.68 -17.48
CA ASN B 165 -75.12 62.00 -16.84
C ASN B 165 -73.86 62.23 -16.02
N SER B 166 -72.70 61.88 -16.59
CA SER B 166 -71.40 62.05 -15.95
C SER B 166 -71.36 61.35 -14.58
N GLY B 167 -71.96 60.15 -14.52
CA GLY B 167 -71.98 59.38 -13.30
C GLY B 167 -73.09 59.72 -12.32
N SER B 168 -73.96 60.67 -12.65
CA SER B 168 -75.05 61.03 -11.75
C SER B 168 -76.03 59.86 -11.59
N LEU B 169 -76.35 59.17 -12.68
CA LEU B 169 -77.24 58.01 -12.64
C LEU B 169 -76.37 56.79 -12.37
N SER B 170 -76.16 56.49 -11.09
CA SER B 170 -75.31 55.37 -10.70
C SER B 170 -76.10 54.08 -10.50
N SER B 171 -77.39 54.19 -10.16
CA SER B 171 -78.23 53.03 -9.90
C SER B 171 -79.11 52.74 -11.10
N GLY B 172 -79.45 51.46 -11.27
CA GLY B 172 -80.33 51.06 -12.36
C GLY B 172 -79.70 51.09 -13.73
N VAL B 173 -78.37 51.04 -13.81
CA VAL B 173 -77.65 51.05 -15.08
C VAL B 173 -77.07 49.67 -15.33
N HIS B 174 -77.31 49.13 -16.53
CA HIS B 174 -76.79 47.83 -16.94
C HIS B 174 -75.93 48.02 -18.18
N THR B 175 -74.62 47.80 -18.03
CA THR B 175 -73.69 47.87 -19.15
C THR B 175 -73.32 46.45 -19.59
N PHE B 176 -73.51 46.16 -20.86
CA PHE B 176 -73.30 44.78 -21.29
C PHE B 176 -71.90 44.61 -21.88
N PRO B 177 -71.32 43.41 -21.73
CA PRO B 177 -69.98 43.18 -22.28
C PRO B 177 -69.97 43.25 -23.80
N ALA B 178 -68.84 43.68 -24.34
CA ALA B 178 -68.69 43.81 -25.78
C ALA B 178 -68.68 42.43 -26.44
N VAL B 179 -69.13 42.40 -27.70
CA VAL B 179 -69.13 41.19 -28.51
C VAL B 179 -68.45 41.52 -29.83
N LEU B 180 -67.52 40.65 -30.25
CA LEU B 180 -66.77 40.87 -31.47
C LEU B 180 -67.61 40.49 -32.68
N GLN B 181 -67.73 41.43 -33.63
CA GLN B 181 -68.49 41.20 -34.87
C GLN B 181 -67.70 41.80 -36.01
N SER B 182 -67.12 40.95 -36.85
CA SER B 182 -66.32 41.38 -38.01
C SER B 182 -65.17 42.29 -37.58
N ASP B 183 -64.36 41.79 -36.64
CA ASP B 183 -63.14 42.42 -36.14
C ASP B 183 -63.39 43.71 -35.35
N LEU B 184 -64.65 44.04 -35.06
CA LEU B 184 -64.98 45.24 -34.31
C LEU B 184 -65.86 44.89 -33.12
N TYR B 185 -65.67 45.61 -32.03
CA TYR B 185 -66.43 45.39 -30.80
C TYR B 185 -67.69 46.24 -30.78
N THR B 186 -68.70 45.74 -30.07
CA THR B 186 -69.99 46.41 -29.98
C THR B 186 -70.65 46.03 -28.66
N LEU B 187 -71.18 47.04 -27.95
CA LEU B 187 -71.91 46.79 -26.72
C LEU B 187 -73.02 47.83 -26.59
N SER B 188 -73.92 47.58 -25.63
CA SER B 188 -75.01 48.49 -25.33
C SER B 188 -75.12 48.66 -23.82
N SER B 189 -75.60 49.83 -23.41
CA SER B 189 -75.78 50.15 -22.01
C SER B 189 -77.20 50.67 -21.79
N SER B 190 -77.85 50.18 -20.73
CA SER B 190 -79.22 50.54 -20.41
C SER B 190 -79.27 51.17 -19.03
N VAL B 191 -80.11 52.21 -18.89
CA VAL B 191 -80.29 52.90 -17.63
C VAL B 191 -81.78 52.95 -17.32
N THR B 192 -82.14 52.66 -16.08
CA THR B 192 -83.52 52.73 -15.61
C THR B 192 -83.72 54.02 -14.84
N VAL B 193 -84.63 54.86 -15.32
CA VAL B 193 -84.84 56.20 -14.77
C VAL B 193 -86.32 56.30 -14.40
N PRO B 194 -86.68 57.02 -13.32
CA PRO B 194 -88.11 57.26 -13.06
C PRO B 194 -88.76 57.98 -14.23
N SER B 195 -90.00 57.59 -14.51
CA SER B 195 -90.71 58.11 -15.68
C SER B 195 -91.01 59.60 -15.56
N SER B 196 -91.09 60.13 -14.34
CA SER B 196 -91.39 61.55 -14.15
C SER B 196 -90.21 62.45 -14.49
N THR B 197 -88.99 61.91 -14.54
CA THR B 197 -87.80 62.71 -14.78
C THR B 197 -87.35 62.72 -16.24
N TRP B 198 -87.95 61.89 -17.09
CA TRP B 198 -87.63 61.90 -18.51
C TRP B 198 -88.92 61.83 -19.31
N PRO B 199 -89.05 62.60 -20.41
CA PRO B 199 -88.04 63.51 -20.96
C PRO B 199 -88.08 64.91 -20.36
N SER B 200 -88.68 65.05 -19.18
CA SER B 200 -88.74 66.36 -18.54
C SER B 200 -87.34 66.89 -18.21
N GLU B 201 -86.42 66.00 -17.85
CA GLU B 201 -85.04 66.37 -17.56
C GLU B 201 -84.11 65.60 -18.50
N THR B 202 -83.03 66.25 -18.91
CA THR B 202 -82.12 65.66 -19.88
C THR B 202 -81.41 64.44 -19.31
N VAL B 203 -81.27 63.41 -20.13
CA VAL B 203 -80.50 62.21 -19.80
C VAL B 203 -79.48 61.99 -20.90
N THR B 204 -78.21 61.90 -20.52
CA THR B 204 -77.11 61.78 -21.47
C THR B 204 -76.20 60.65 -21.06
N CYS B 205 -75.80 59.83 -22.04
CA CYS B 205 -74.80 58.78 -21.82
C CYS B 205 -73.45 59.27 -22.32
N ASN B 206 -72.42 59.10 -21.50
CA ASN B 206 -71.07 59.50 -21.84
C ASN B 206 -70.26 58.26 -22.19
N VAL B 207 -69.67 58.26 -23.38
CA VAL B 207 -68.90 57.13 -23.89
C VAL B 207 -67.45 57.58 -24.06
N ALA B 208 -66.53 56.87 -23.42
CA ALA B 208 -65.12 57.19 -23.46
C ALA B 208 -64.34 56.04 -24.07
N HIS B 209 -63.48 56.35 -25.05
CA HIS B 209 -62.64 55.36 -25.72
C HIS B 209 -61.21 55.86 -25.65
N PRO B 210 -60.49 55.56 -24.57
CA PRO B 210 -59.14 56.12 -24.39
C PRO B 210 -58.15 55.69 -25.45
N ALA B 211 -58.39 54.57 -26.15
CA ALA B 211 -57.48 54.13 -27.19
C ALA B 211 -57.39 55.16 -28.32
N SER B 212 -58.53 55.71 -28.72
CA SER B 212 -58.58 56.76 -29.73
C SER B 212 -58.67 58.15 -29.14
N SER B 213 -58.61 58.27 -27.80
CA SER B 213 -58.72 59.56 -27.12
C SER B 213 -60.00 60.29 -27.51
N THR B 214 -61.12 59.57 -27.55
CA THR B 214 -62.40 60.10 -27.98
C THR B 214 -63.39 60.06 -26.82
N LYS B 215 -64.02 61.20 -26.55
CA LYS B 215 -65.10 61.29 -25.57
C LYS B 215 -66.31 61.91 -26.26
N VAL B 216 -67.43 61.19 -26.24
CA VAL B 216 -68.65 61.61 -26.92
C VAL B 216 -69.79 61.63 -25.90
N ASP B 217 -70.55 62.72 -25.91
CA ASP B 217 -71.74 62.85 -25.06
C ASP B 217 -72.97 62.85 -25.97
N LYS B 218 -73.85 61.89 -25.75
CA LYS B 218 -75.09 61.75 -26.53
C LYS B 218 -76.27 61.94 -25.60
N LYS B 219 -77.05 63.00 -25.85
CA LYS B 219 -78.25 63.26 -25.07
C LYS B 219 -79.43 62.47 -25.64
N ILE B 220 -80.12 61.73 -24.78
CA ILE B 220 -81.27 60.94 -25.20
C ILE B 220 -82.45 61.88 -25.38
N VAL B 221 -83.02 61.89 -26.58
CA VAL B 221 -84.15 62.76 -26.89
C VAL B 221 -85.29 61.93 -27.46
N PRO B 222 -86.54 62.22 -27.11
CA PRO B 222 -87.66 61.45 -27.67
C PRO B 222 -87.89 61.80 -29.13
N ARG B 223 -88.50 60.84 -29.84
CA ARG B 223 -88.81 61.02 -31.25
C ARG B 223 -90.05 61.90 -31.42
N ASP B 224 -90.40 62.18 -32.67
CA ASP B 224 -91.56 62.98 -32.99
C ASP B 224 -92.86 62.25 -32.63
N ASP C 1 -49.91 12.54 -18.48
CA ASP C 1 -50.94 12.16 -19.45
C ASP C 1 -52.17 11.63 -18.73
N ILE C 2 -52.57 12.31 -17.66
CA ILE C 2 -53.75 11.96 -16.87
C ILE C 2 -54.70 13.14 -16.92
N GLN C 3 -55.97 12.86 -17.25
CA GLN C 3 -56.97 13.89 -17.45
C GLN C 3 -57.93 13.96 -16.27
N MET C 4 -58.26 15.17 -15.84
CA MET C 4 -59.20 15.41 -14.76
C MET C 4 -60.56 15.75 -15.34
N THR C 5 -61.61 15.09 -14.84
CA THR C 5 -62.97 15.33 -15.26
C THR C 5 -63.82 15.66 -14.05
N GLN C 6 -64.52 16.79 -14.12
CA GLN C 6 -65.40 17.24 -13.05
C GLN C 6 -66.85 17.04 -13.48
N SER C 7 -67.60 16.27 -12.68
CA SER C 7 -68.98 15.95 -13.05
C SER C 7 -69.89 17.18 -13.13
N PRO C 8 -69.91 18.11 -12.15
CA PRO C 8 -70.81 19.26 -12.28
C PRO C 8 -70.24 20.33 -13.20
N SER C 9 -70.81 20.46 -14.39
CA SER C 9 -70.39 21.51 -15.30
C SER C 9 -70.73 22.89 -14.74
N SER C 10 -71.94 23.05 -14.21
CA SER C 10 -72.36 24.29 -13.56
C SER C 10 -73.36 23.93 -12.48
N LEU C 11 -73.23 24.58 -11.32
CA LEU C 11 -74.06 24.30 -10.17
C LEU C 11 -74.62 25.60 -9.63
N SER C 12 -75.92 25.61 -9.33
CA SER C 12 -76.58 26.74 -8.68
C SER C 12 -77.14 26.25 -7.35
N ALA C 13 -76.77 26.93 -6.27
CA ALA C 13 -77.21 26.55 -4.93
C ALA C 13 -77.42 27.80 -4.09
N SER C 14 -78.34 27.71 -3.14
CA SER C 14 -78.62 28.82 -2.24
C SER C 14 -77.51 28.95 -1.20
N LEU C 15 -77.47 30.12 -0.56
CA LEU C 15 -76.48 30.36 0.48
C LEU C 15 -76.72 29.42 1.66
N GLY C 16 -75.65 28.80 2.14
CA GLY C 16 -75.74 27.87 3.25
C GLY C 16 -76.11 26.46 2.89
N GLU C 17 -76.26 26.14 1.60
CA GLU C 17 -76.61 24.80 1.16
C GLU C 17 -75.37 24.00 0.82
N THR C 18 -75.36 22.74 1.21
CA THR C 18 -74.22 21.87 0.95
C THR C 18 -74.10 21.56 -0.54
N VAL C 19 -72.86 21.47 -1.02
CA VAL C 19 -72.58 21.18 -2.42
C VAL C 19 -71.26 20.41 -2.48
N THR C 20 -71.22 19.39 -3.33
CA THR C 20 -70.05 18.55 -3.50
C THR C 20 -69.57 18.60 -4.95
N ILE C 21 -68.27 18.84 -5.14
CA ILE C 21 -67.65 18.86 -6.46
C ILE C 21 -66.68 17.70 -6.53
N THR C 22 -66.85 16.82 -7.51
CA THR C 22 -66.07 15.60 -7.65
C THR C 22 -65.13 15.74 -8.84
N CYS C 23 -63.86 15.38 -8.63
CA CYS C 23 -62.84 15.39 -9.67
C CYS C 23 -62.35 13.97 -9.88
N UNK C 24 -62.50 13.46 -11.10
CA UNK C 24 -62.15 12.09 -11.43
C UNK C 24 -60.80 12.05 -12.15
N UNK C 25 -60.01 11.02 -11.86
CA UNK C 25 -58.68 10.86 -12.42
C UNK C 25 -58.63 9.65 -13.34
N UNK C 26 -58.00 9.82 -14.51
CA UNK C 26 -57.84 8.72 -15.44
C UNK C 26 -56.94 7.62 -14.91
N UNK C 27 -56.10 7.92 -13.92
CA UNK C 27 -55.23 6.91 -13.33
C UNK C 27 -54.95 7.26 -11.87
N UNK C 28 -54.31 6.34 -11.18
CA UNK C 28 -53.97 6.56 -9.79
C UNK C 28 -53.02 7.73 -9.65
N UNK C 29 -53.34 8.65 -8.73
CA UNK C 29 -52.53 9.83 -8.52
C UNK C 29 -51.78 9.84 -7.20
N UNK C 30 -52.14 8.97 -6.26
CA UNK C 30 -51.50 8.91 -4.94
C UNK C 30 -51.52 10.28 -4.28
N UNK C 31 -52.72 10.78 -4.07
CA UNK C 31 -52.97 12.11 -3.49
C UNK C 31 -52.33 13.13 -4.45
N UNK C 32 -51.66 14.16 -3.93
CA UNK C 32 -51.01 15.19 -4.75
C UNK C 32 -52.01 15.80 -5.73
N UNK C 33 -53.13 16.27 -5.19
CA UNK C 33 -54.17 16.92 -5.96
C UNK C 33 -54.49 18.26 -5.31
N UNK C 34 -54.80 19.26 -6.13
CA UNK C 34 -55.08 20.59 -5.63
C UNK C 34 -56.34 21.15 -6.25
N TRP C 35 -57.00 22.02 -5.49
CA TRP C 35 -58.20 22.72 -5.93
C TRP C 35 -57.94 24.22 -5.90
N TYR C 36 -58.41 24.91 -6.94
CA TYR C 36 -58.23 26.35 -7.05
C TYR C 36 -59.58 27.04 -7.14
N GLN C 37 -59.72 28.17 -6.45
CA GLN C 37 -60.93 28.98 -6.48
C GLN C 37 -60.64 30.24 -7.28
N GLN C 38 -61.46 30.49 -8.30
CA GLN C 38 -61.30 31.65 -9.16
C GLN C 38 -62.57 32.47 -9.15
N LYS C 39 -62.43 33.76 -8.86
CA LYS C 39 -63.55 34.69 -8.92
C LYS C 39 -63.69 35.25 -10.33
N SER C 40 -64.76 36.01 -10.54
CA SER C 40 -65.00 36.61 -11.85
C SER C 40 -63.93 37.67 -12.14
N GLY C 41 -63.24 37.52 -13.27
CA GLY C 41 -62.19 38.45 -13.61
C GLY C 41 -61.03 38.46 -12.63
N GLN C 42 -60.70 37.30 -12.06
CA GLN C 42 -59.69 37.21 -11.02
C GLN C 42 -58.75 36.04 -11.31
N SER C 43 -57.57 36.10 -10.71
CA SER C 43 -56.60 35.02 -10.81
C SER C 43 -56.98 33.87 -9.89
N PRO C 44 -56.62 32.64 -10.26
CA PRO C 44 -56.89 31.49 -9.39
C PRO C 44 -56.14 31.62 -8.07
N LYS C 45 -56.74 31.09 -7.02
CA LYS C 45 -56.13 31.05 -5.70
C LYS C 45 -56.13 29.63 -5.18
N LEU C 46 -55.00 29.23 -4.59
CA LEU C 46 -54.89 27.88 -4.03
C LEU C 46 -55.86 27.71 -2.88
N LEU C 47 -56.64 26.64 -2.90
CA LEU C 47 -57.66 26.38 -1.90
C LEU C 47 -57.31 25.20 -0.99
N VAL C 48 -57.02 24.04 -1.57
CA VAL C 48 -56.63 22.86 -0.80
C VAL C 48 -55.64 22.07 -1.64
N TYR C 49 -54.55 21.63 -1.01
CA TYR C 49 -53.53 20.84 -1.67
C TYR C 49 -53.41 19.48 -0.99
N UNK C 50 -52.73 18.55 -1.66
CA UNK C 50 -52.63 17.15 -1.25
C UNK C 50 -54.00 16.49 -1.11
N UNK C 51 -55.02 17.12 -1.70
CA UNK C 51 -56.39 16.62 -1.77
C UNK C 51 -57.09 16.60 -0.41
N UNK C 52 -56.36 16.91 0.67
CA UNK C 52 -56.97 16.94 1.99
C UNK C 52 -56.44 18.04 2.91
N UNK C 53 -55.54 18.90 2.44
CA UNK C 53 -54.88 19.88 3.29
C UNK C 53 -55.28 21.28 2.85
N UNK C 54 -56.14 21.93 3.61
CA UNK C 54 -56.60 23.27 3.29
C UNK C 54 -55.45 24.27 3.41
N UNK C 55 -55.47 25.27 2.52
CA UNK C 55 -54.41 26.27 2.48
C UNK C 55 -54.63 27.32 3.57
N UNK C 56 -53.71 28.28 3.63
CA UNK C 56 -53.80 29.33 4.63
C UNK C 56 -54.96 30.27 4.33
N GLY C 57 -55.69 30.65 5.37
CA GLY C 57 -56.82 31.54 5.23
C GLY C 57 -58.10 30.88 4.75
N VAL C 58 -58.05 29.60 4.40
CA VAL C 58 -59.25 28.90 3.93
C VAL C 58 -60.11 28.53 5.14
N PRO C 59 -61.39 28.90 5.14
CA PRO C 59 -62.25 28.55 6.27
C PRO C 59 -62.47 27.05 6.38
N ALA C 60 -62.91 26.63 7.56
CA ALA C 60 -63.13 25.21 7.83
C ALA C 60 -64.30 24.63 7.06
N ARG C 61 -65.11 25.48 6.41
CA ARG C 61 -66.23 24.98 5.63
C ARG C 61 -65.75 24.14 4.46
N PHE C 62 -64.67 24.57 3.81
CA PHE C 62 -64.09 23.80 2.72
C PHE C 62 -63.48 22.51 3.26
N SER C 63 -63.63 21.42 2.49
CA SER C 63 -63.05 20.15 2.89
C SER C 63 -62.84 19.29 1.65
N GLY C 64 -61.82 18.45 1.71
CA GLY C 64 -61.51 17.56 0.61
C GLY C 64 -61.48 16.11 1.04
N SER C 65 -61.66 15.19 0.10
CA SER C 65 -61.67 13.77 0.40
C SER C 65 -61.18 12.98 -0.81
N GLY C 66 -60.63 11.81 -0.54
CA GLY C 66 -60.18 10.93 -1.61
C GLY C 66 -60.64 9.51 -1.41
N SER C 67 -61.42 9.00 -2.37
CA SER C 67 -61.92 7.63 -2.33
C SER C 67 -61.62 7.00 -3.69
N GLY C 68 -60.43 6.43 -3.83
CA GLY C 68 -60.03 5.83 -5.08
C GLY C 68 -59.56 6.83 -6.11
N THR C 69 -60.20 6.85 -7.27
CA THR C 69 -59.85 7.75 -8.35
C THR C 69 -60.75 8.98 -8.41
N SER C 70 -61.66 9.13 -7.46
CA SER C 70 -62.60 10.26 -7.43
C SER C 70 -62.30 11.13 -6.23
N TYR C 71 -61.70 12.29 -6.46
CA TYR C 71 -61.40 13.25 -5.40
C TYR C 71 -62.53 14.28 -5.34
N SER C 72 -62.99 14.57 -4.13
CA SER C 72 -64.18 15.40 -3.93
C SER C 72 -63.85 16.64 -3.10
N LEU C 73 -64.46 17.76 -3.48
CA LEU C 73 -64.39 19.01 -2.73
C LEU C 73 -65.79 19.32 -2.20
N THR C 74 -65.89 19.56 -0.89
CA THR C 74 -67.17 19.71 -0.23
C THR C 74 -67.24 21.06 0.49
N ILE C 75 -68.33 21.78 0.28
CA ILE C 75 -68.65 23.00 1.02
C ILE C 75 -70.06 22.83 1.57
N SER C 76 -70.20 22.94 2.89
CA SER C 76 -71.48 22.66 3.54
C SER C 76 -72.35 23.91 3.66
N SER C 77 -71.79 25.01 4.13
CA SER C 77 -72.54 26.25 4.35
C SER C 77 -71.92 27.34 3.47
N LEU C 78 -72.54 27.56 2.31
CA LEU C 78 -72.00 28.52 1.34
C LEU C 78 -72.05 29.94 1.88
N GLN C 79 -71.10 30.74 1.44
CA GLN C 79 -70.97 32.15 1.75
C GLN C 79 -70.85 32.92 0.46
N PRO C 80 -71.15 34.23 0.45
CA PRO C 80 -71.05 34.99 -0.79
C PRO C 80 -69.68 34.97 -1.43
N GLU C 81 -68.61 34.86 -0.63
CA GLU C 81 -67.27 34.74 -1.20
C GLU C 81 -67.04 33.38 -1.86
N ASP C 82 -67.78 32.35 -1.45
CA ASP C 82 -67.55 31.01 -1.98
C ASP C 82 -68.00 30.87 -3.42
N PHE C 83 -68.89 31.73 -3.90
CA PHE C 83 -69.41 31.60 -5.26
C PHE C 83 -68.37 32.05 -6.28
N GLY C 84 -68.18 31.24 -7.30
CA GLY C 84 -67.18 31.50 -8.32
C GLY C 84 -66.93 30.29 -9.20
N VAL C 85 -65.69 30.08 -9.60
CA VAL C 85 -65.30 28.95 -10.45
C VAL C 85 -64.21 28.17 -9.74
N TYR C 86 -64.29 26.84 -9.80
CA TYR C 86 -63.36 25.96 -9.12
C TYR C 86 -62.72 24.99 -10.12
N TYR C 87 -61.44 24.70 -9.91
CA TYR C 87 -60.69 23.79 -10.77
C TYR C 87 -59.87 22.83 -9.92
N CYS C 88 -59.71 21.61 -10.40
CA CYS C 88 -58.84 20.63 -9.77
C CYS C 88 -57.63 20.37 -10.66
N UNK C 89 -56.51 20.00 -10.03
CA UNK C 89 -55.27 19.77 -10.74
C UNK C 89 -54.58 18.51 -10.20
N UNK C 90 -53.87 17.82 -11.08
CA UNK C 90 -53.08 16.64 -10.73
C UNK C 90 -51.61 17.02 -10.77
N UNK C 91 -50.88 16.67 -9.71
CA UNK C 91 -49.49 17.09 -9.56
C UNK C 91 -48.51 15.92 -9.59
N UNK C 92 -48.96 14.71 -9.93
CA UNK C 92 -48.05 13.57 -9.97
C UNK C 92 -47.23 13.57 -11.26
N UNK C 93 -47.90 13.45 -12.39
CA UNK C 93 -47.25 13.54 -13.70
C UNK C 93 -47.27 15.01 -14.14
N UNK C 94 -47.03 15.28 -15.43
CA UNK C 94 -47.16 16.63 -15.94
C UNK C 94 -48.53 17.21 -15.59
N UNK C 95 -48.53 18.45 -15.13
CA UNK C 95 -49.73 19.04 -14.55
C UNK C 95 -50.86 19.14 -15.57
N UNK C 96 -52.08 18.95 -15.09
CA UNK C 96 -53.28 19.09 -15.91
C UNK C 96 -54.43 19.56 -15.03
N PHE C 97 -55.41 20.19 -15.66
CA PHE C 97 -56.55 20.75 -14.95
C PHE C 97 -57.83 20.05 -15.39
N GLY C 98 -58.91 20.30 -14.65
CA GLY C 98 -60.22 19.79 -14.98
C GLY C 98 -60.97 20.70 -15.93
N GLY C 99 -62.22 20.33 -16.20
CA GLY C 99 -63.06 21.10 -17.10
C GLY C 99 -63.61 22.38 -16.49
N GLY C 100 -63.60 22.49 -15.18
CA GLY C 100 -64.11 23.67 -14.51
C GLY C 100 -65.51 23.47 -13.97
N THR C 101 -65.79 24.12 -12.84
CA THR C 101 -67.10 24.10 -12.22
C THR C 101 -67.47 25.53 -11.85
N LYS C 102 -68.53 26.05 -12.45
CA LYS C 102 -68.98 27.41 -12.20
C LYS C 102 -70.10 27.39 -11.18
N LEU C 103 -69.84 27.92 -10.00
CA LEU C 103 -70.81 27.97 -8.91
C LEU C 103 -71.48 29.34 -8.91
N GLU C 104 -72.81 29.34 -8.89
CA GLU C 104 -73.59 30.56 -8.95
C GLU C 104 -74.67 30.56 -7.88
N ILE C 105 -75.09 31.75 -7.47
CA ILE C 105 -76.11 31.89 -6.44
C ILE C 105 -77.47 31.54 -7.01
N LYS C 106 -78.24 30.76 -6.26
CA LYS C 106 -79.61 30.41 -6.63
C LYS C 106 -80.58 31.22 -5.77
N ARG C 107 -81.53 31.89 -6.43
CA ARG C 107 -82.52 32.71 -5.75
C ARG C 107 -83.88 32.47 -6.39
N ALA C 108 -84.87 33.24 -5.93
CA ALA C 108 -86.21 33.14 -6.48
C ALA C 108 -86.26 33.69 -7.90
N ASP C 109 -87.18 33.14 -8.70
CA ASP C 109 -87.34 33.57 -10.08
C ASP C 109 -87.86 35.00 -10.15
N ALA C 110 -87.43 35.73 -11.17
CA ALA C 110 -87.88 37.10 -11.41
C ALA C 110 -88.20 37.27 -12.88
N ALA C 111 -89.21 38.10 -13.15
CA ALA C 111 -89.64 38.34 -14.53
C ALA C 111 -88.65 39.28 -15.23
N PRO C 112 -88.36 39.03 -16.51
CA PRO C 112 -87.47 39.93 -17.26
C PRO C 112 -88.21 41.19 -17.68
N THR C 113 -87.62 42.35 -17.36
CA THR C 113 -88.16 43.63 -17.81
C THR C 113 -87.69 43.87 -19.23
N VAL C 114 -88.60 43.74 -20.19
CA VAL C 114 -88.27 43.77 -21.62
C VAL C 114 -88.52 45.16 -22.17
N SER C 115 -87.51 45.73 -22.83
CA SER C 115 -87.62 47.00 -23.51
C SER C 115 -87.06 46.87 -24.92
N ILE C 116 -87.76 47.44 -25.89
CA ILE C 116 -87.37 47.39 -27.29
C ILE C 116 -87.19 48.80 -27.81
N PHE C 117 -86.15 49.02 -28.61
CA PHE C 117 -85.80 50.34 -29.09
C PHE C 117 -85.63 50.31 -30.61
N PRO C 118 -86.28 51.22 -31.33
CA PRO C 118 -86.08 51.29 -32.78
C PRO C 118 -84.71 51.86 -33.10
N PRO C 119 -84.21 51.62 -34.32
CA PRO C 119 -82.91 52.21 -34.70
C PRO C 119 -82.97 53.73 -34.64
N SER C 120 -81.86 54.33 -34.21
CA SER C 120 -81.80 55.77 -34.05
C SER C 120 -81.69 56.46 -35.42
N SER C 121 -82.01 57.76 -35.44
CA SER C 121 -81.88 58.54 -36.65
C SER C 121 -80.43 58.63 -37.10
N GLU C 122 -79.51 58.76 -36.14
CA GLU C 122 -78.09 58.87 -36.47
C GLU C 122 -77.58 57.61 -37.17
N GLN C 123 -78.00 56.43 -36.70
CA GLN C 123 -77.56 55.20 -37.33
C GLN C 123 -78.14 55.04 -38.73
N LEU C 124 -79.37 55.52 -38.96
CA LEU C 124 -79.98 55.42 -40.28
C LEU C 124 -79.19 56.20 -41.32
N THR C 125 -78.69 57.38 -40.94
CA THR C 125 -77.91 58.19 -41.88
C THR C 125 -76.63 57.48 -42.30
N SER C 126 -76.01 56.76 -41.36
CA SER C 126 -74.79 56.01 -41.69
C SER C 126 -75.07 54.92 -42.71
N GLY C 127 -76.18 54.22 -42.57
CA GLY C 127 -76.55 53.17 -43.50
C GLY C 127 -77.00 51.88 -42.84
N GLY C 128 -76.80 51.78 -41.53
CA GLY C 128 -77.20 50.61 -40.78
C GLY C 128 -78.45 50.84 -39.95
N ALA C 129 -78.96 49.75 -39.40
CA ALA C 129 -80.17 49.81 -38.56
C ALA C 129 -80.14 48.62 -37.61
N SER C 130 -79.96 48.89 -36.32
CA SER C 130 -79.93 47.86 -35.31
C SER C 130 -81.08 48.08 -34.33
N VAL C 131 -81.88 47.04 -34.11
CA VAL C 131 -82.95 47.07 -33.13
C VAL C 131 -82.46 46.40 -31.86
N VAL C 132 -82.46 47.15 -30.76
CA VAL C 132 -81.89 46.70 -29.49
C VAL C 132 -83.03 46.33 -28.55
N CYS C 133 -82.93 45.15 -27.95
CA CYS C 133 -83.90 44.67 -26.97
C CYS C 133 -83.17 44.40 -25.66
N PHE C 134 -83.67 44.97 -24.58
CA PHE C 134 -83.05 44.84 -23.26
C PHE C 134 -83.91 43.95 -22.38
N LEU C 135 -83.27 43.01 -21.68
CA LEU C 135 -83.94 42.11 -20.74
C LEU C 135 -83.14 42.13 -19.44
N ASN C 136 -83.57 42.94 -18.49
CA ASN C 136 -82.81 43.22 -17.28
C ASN C 136 -83.45 42.57 -16.06
N ASN C 137 -82.60 42.14 -15.13
CA ASN C 137 -83.00 41.70 -13.79
C ASN C 137 -83.96 40.51 -13.86
N PHE C 138 -83.47 39.40 -14.40
CA PHE C 138 -84.24 38.17 -14.49
C PHE C 138 -83.41 37.00 -13.97
N TYR C 139 -84.10 36.02 -13.37
CA TYR C 139 -83.50 34.79 -12.92
C TYR C 139 -84.46 33.66 -13.28
N PRO C 140 -83.94 32.49 -13.72
CA PRO C 140 -82.53 32.15 -13.93
C PRO C 140 -81.93 32.70 -15.23
N LYS C 141 -80.63 32.47 -15.42
CA LYS C 141 -79.94 32.96 -16.61
C LYS C 141 -80.50 32.35 -17.88
N ASP C 142 -81.03 31.13 -17.80
CA ASP C 142 -81.54 30.43 -18.97
C ASP C 142 -82.78 31.13 -19.50
N ILE C 143 -82.67 31.72 -20.70
CA ILE C 143 -83.79 32.40 -21.34
C ILE C 143 -83.52 32.40 -22.83
N ASN C 144 -84.60 32.34 -23.62
CA ASN C 144 -84.50 32.37 -25.07
C ASN C 144 -85.39 33.46 -25.62
N VAL C 145 -84.86 34.22 -26.57
CA VAL C 145 -85.59 35.33 -27.18
C VAL C 145 -85.82 35.01 -28.66
N LYS C 146 -86.90 35.57 -29.19
CA LYS C 146 -87.23 35.43 -30.60
C LYS C 146 -87.49 36.82 -31.19
N TRP C 147 -86.98 37.03 -32.40
CA TRP C 147 -87.20 38.26 -33.14
C TRP C 147 -88.22 38.00 -34.24
N LYS C 148 -89.38 38.65 -34.13
CA LYS C 148 -90.46 38.48 -35.09
C LYS C 148 -90.58 39.76 -35.91
N ILE C 149 -90.50 39.62 -37.23
CA ILE C 149 -90.62 40.74 -38.14
C ILE C 149 -91.93 40.54 -38.91
N ASP C 150 -92.95 41.31 -38.54
CA ASP C 150 -94.30 41.18 -39.12
C ASP C 150 -94.84 39.76 -38.94
N GLY C 151 -94.57 39.17 -37.78
CA GLY C 151 -95.05 37.85 -37.45
C GLY C 151 -94.16 36.70 -37.89
N SER C 152 -93.05 36.97 -38.56
CA SER C 152 -92.15 35.94 -39.04
C SER C 152 -90.86 35.96 -38.24
N GLU C 153 -90.49 34.81 -37.70
CA GLU C 153 -89.26 34.70 -36.92
C GLU C 153 -88.04 34.77 -37.82
N ARG C 154 -86.98 35.41 -37.34
CA ARG C 154 -85.72 35.52 -38.06
C ARG C 154 -84.61 34.99 -37.18
N GLN C 155 -83.85 34.02 -37.70
CA GLN C 155 -82.76 33.40 -36.96
C GLN C 155 -81.39 33.80 -37.52
N ASN C 156 -81.31 34.93 -38.23
CA ASN C 156 -80.08 35.37 -38.86
C ASN C 156 -79.79 36.81 -38.47
N GLY C 157 -78.52 37.11 -38.24
CA GLY C 157 -78.09 38.46 -37.94
C GLY C 157 -78.37 38.93 -36.53
N VAL C 158 -78.72 38.03 -35.61
CA VAL C 158 -79.04 38.38 -34.23
C VAL C 158 -77.88 37.93 -33.35
N LEU C 159 -77.40 38.85 -32.50
CA LEU C 159 -76.32 38.56 -31.57
C LEU C 159 -76.76 38.95 -30.17
N ASN C 160 -76.41 38.11 -29.19
CA ASN C 160 -76.85 38.28 -27.82
C ASN C 160 -75.65 38.42 -26.89
N SER C 161 -75.85 39.10 -25.77
CA SER C 161 -74.80 39.33 -24.78
C SER C 161 -75.40 39.17 -23.40
N TRP C 162 -74.86 38.24 -22.63
CA TRP C 162 -75.28 38.00 -21.25
C TRP C 162 -74.27 38.60 -20.29
N THR C 163 -74.74 39.40 -19.35
CA THR C 163 -73.87 39.98 -18.36
C THR C 163 -73.59 38.96 -17.25
N ASP C 164 -72.56 39.24 -16.46
CA ASP C 164 -72.28 38.39 -15.30
C ASP C 164 -73.38 38.56 -14.26
N GLN C 165 -73.52 37.55 -13.41
CA GLN C 165 -74.54 37.61 -12.36
C GLN C 165 -74.27 38.82 -11.47
N ASP C 166 -75.30 39.60 -11.22
CA ASP C 166 -75.13 40.85 -10.49
C ASP C 166 -74.73 40.59 -9.05
N SER C 167 -73.83 41.43 -8.54
CA SER C 167 -73.41 41.31 -7.15
C SER C 167 -74.47 41.83 -6.18
N LYS C 168 -75.22 42.85 -6.58
CA LYS C 168 -76.18 43.48 -5.69
C LYS C 168 -77.43 42.61 -5.50
N ASP C 169 -78.16 42.35 -6.58
CA ASP C 169 -79.43 41.64 -6.50
C ASP C 169 -79.36 40.20 -6.98
N SER C 170 -78.19 39.73 -7.39
CA SER C 170 -77.99 38.34 -7.82
C SER C 170 -78.92 37.96 -8.97
N THR C 171 -79.10 38.88 -9.92
CA THR C 171 -79.93 38.67 -11.08
C THR C 171 -79.07 38.63 -12.35
N TYR C 172 -79.73 38.56 -13.49
CA TYR C 172 -79.06 38.55 -14.79
C TYR C 172 -79.72 39.55 -15.72
N SER C 173 -78.95 40.02 -16.69
CA SER C 173 -79.45 40.92 -17.72
C SER C 173 -78.96 40.44 -19.08
N MET C 174 -79.78 40.68 -20.10
CA MET C 174 -79.47 40.23 -21.45
C MET C 174 -79.84 41.33 -22.44
N SER C 175 -79.00 41.51 -23.45
CA SER C 175 -79.25 42.47 -24.53
C SER C 175 -79.17 41.72 -25.86
N SER C 176 -80.23 41.82 -26.65
CA SER C 176 -80.30 41.18 -27.96
C SER C 176 -80.34 42.25 -29.04
N THR C 177 -79.41 42.18 -29.98
CA THR C 177 -79.29 43.14 -31.06
C THR C 177 -79.44 42.44 -32.39
N LEU C 178 -80.36 42.94 -33.22
CA LEU C 178 -80.57 42.44 -34.58
C LEU C 178 -80.09 43.53 -35.54
N THR C 179 -79.01 43.25 -36.26
CA THR C 179 -78.41 44.21 -37.16
C THR C 179 -78.72 43.83 -38.60
N LEU C 180 -79.20 44.80 -39.38
CA LEU C 180 -79.55 44.59 -40.78
C LEU C 180 -79.39 45.90 -41.52
N THR C 181 -79.35 45.80 -42.85
CA THR C 181 -79.15 46.98 -43.68
C THR C 181 -80.37 47.90 -43.60
N LYS C 182 -80.15 49.16 -44.00
CA LYS C 182 -81.22 50.14 -43.99
C LYS C 182 -82.33 49.73 -44.96
N ASP C 183 -81.97 49.23 -46.14
CA ASP C 183 -82.95 48.80 -47.11
C ASP C 183 -83.81 47.66 -46.57
N GLU C 184 -83.17 46.66 -45.95
CA GLU C 184 -83.91 45.54 -45.39
C GLU C 184 -84.76 45.98 -44.20
N TYR C 185 -84.31 46.99 -43.46
CA TYR C 185 -85.08 47.50 -42.34
C TYR C 185 -86.37 48.15 -42.81
N GLU C 186 -86.31 48.83 -43.95
CA GLU C 186 -87.46 49.56 -44.49
C GLU C 186 -88.40 48.67 -45.29
N ARG C 187 -88.13 47.37 -45.37
CA ARG C 187 -89.02 46.44 -46.05
C ARG C 187 -90.14 45.95 -45.14
N HIS C 188 -90.15 46.34 -43.87
CA HIS C 188 -91.15 45.88 -42.92
C HIS C 188 -91.52 47.01 -41.97
N ASN C 189 -92.65 46.83 -41.29
CA ASN C 189 -93.22 47.85 -40.42
C ASN C 189 -93.09 47.52 -38.94
N SER C 190 -93.49 46.32 -38.53
CA SER C 190 -93.54 45.94 -37.13
C SER C 190 -92.39 45.01 -36.79
N TYR C 191 -91.61 45.37 -35.79
CA TYR C 191 -90.53 44.53 -35.25
C TYR C 191 -90.86 44.19 -33.80
N THR C 192 -90.90 42.91 -33.48
CA THR C 192 -91.33 42.42 -32.18
C THR C 192 -90.20 41.65 -31.52
N CYS C 193 -89.94 41.95 -30.25
CA CYS C 193 -88.96 41.22 -29.44
C CYS C 193 -89.73 40.45 -28.37
N GLU C 194 -89.81 39.13 -28.54
CA GLU C 194 -90.48 38.25 -27.60
C GLU C 194 -89.47 37.30 -26.97
N ALA C 195 -89.65 37.01 -25.68
CA ALA C 195 -88.76 36.13 -24.94
C ALA C 195 -89.59 35.15 -24.14
N THR C 196 -89.23 33.87 -24.22
CA THR C 196 -89.87 32.81 -23.44
C THR C 196 -89.04 32.55 -22.19
N HIS C 197 -89.70 32.59 -21.03
CA HIS C 197 -89.02 32.43 -19.76
C HIS C 197 -89.86 31.56 -18.85
N LYS C 198 -89.21 30.96 -17.85
CA LYS C 198 -89.90 30.10 -16.90
C LYS C 198 -90.89 30.88 -16.04
N THR C 199 -90.71 32.20 -15.91
CA THR C 199 -91.58 32.98 -15.03
C THR C 199 -93.03 32.95 -15.51
N SER C 200 -93.26 33.10 -16.81
CA SER C 200 -94.60 33.14 -17.37
C SER C 200 -94.69 32.20 -18.56
N THR C 201 -95.82 31.49 -18.67
CA THR C 201 -96.04 30.60 -19.80
C THR C 201 -96.12 31.39 -21.11
N SER C 202 -96.84 32.51 -21.09
CA SER C 202 -96.94 33.36 -22.27
C SER C 202 -95.68 34.22 -22.38
N PRO C 203 -94.98 34.19 -23.51
CA PRO C 203 -93.78 35.03 -23.65
C PRO C 203 -94.11 36.50 -23.57
N ILE C 204 -93.21 37.27 -22.96
CA ILE C 204 -93.40 38.71 -22.87
C ILE C 204 -93.18 39.33 -24.25
N VAL C 205 -94.14 40.15 -24.69
CA VAL C 205 -94.16 40.69 -26.05
C VAL C 205 -93.96 42.19 -25.98
N LYS C 206 -92.94 42.68 -26.67
CA LYS C 206 -92.69 44.10 -26.85
C LYS C 206 -92.44 44.35 -28.33
N SER C 207 -93.03 45.43 -28.85
CA SER C 207 -92.93 45.70 -30.28
C SER C 207 -93.11 47.20 -30.52
N PHE C 208 -92.85 47.59 -31.77
CA PHE C 208 -93.01 48.97 -32.20
C PHE C 208 -93.33 48.98 -33.69
N ASN C 209 -93.79 50.13 -34.17
CA ASN C 209 -94.08 50.33 -35.58
C ASN C 209 -92.99 51.23 -36.16
N ARG C 210 -92.46 50.83 -37.33
CA ARG C 210 -91.39 51.61 -37.95
C ARG C 210 -91.87 53.01 -38.33
N ASN C 211 -93.09 53.13 -38.85
CA ASN C 211 -93.65 54.43 -39.18
C ASN C 211 -94.03 55.19 -37.92
N GLU C 212 -93.11 56.01 -37.41
CA GLU C 212 -93.35 56.76 -36.19
C GLU C 212 -94.30 57.92 -36.43
N SER D 6 -12.04 -2.95 -8.57
CA SER D 6 -12.11 -3.90 -7.47
C SER D 6 -12.14 -3.19 -6.13
N PRO D 7 -13.20 -3.43 -5.35
CA PRO D 7 -13.30 -2.77 -4.03
C PRO D 7 -12.25 -3.24 -3.04
N TRP D 8 -11.61 -4.39 -3.27
CA TRP D 8 -10.63 -4.91 -2.32
C TRP D 8 -9.31 -4.14 -2.36
N ASP D 9 -9.07 -3.35 -3.41
CA ASP D 9 -7.83 -2.59 -3.48
C ASP D 9 -7.72 -1.59 -2.34
N ARG D 10 -8.83 -0.92 -2.00
CA ARG D 10 -8.82 0.03 -0.90
C ARG D 10 -8.59 -0.68 0.44
N VAL D 11 -9.16 -1.87 0.60
CA VAL D 11 -8.97 -2.63 1.83
C VAL D 11 -7.51 -3.02 2.01
N LYS D 12 -6.86 -3.45 0.92
CA LYS D 12 -5.44 -3.81 0.99
C LYS D 12 -4.59 -2.62 1.38
N ASP D 13 -4.91 -1.43 0.84
CA ASP D 13 -4.13 -0.25 1.17
C ASP D 13 -4.23 0.11 2.65
N LEU D 14 -5.35 -0.22 3.29
CA LEU D 14 -5.49 0.03 4.73
C LEU D 14 -4.50 -0.80 5.52
N ALA D 15 -4.32 -2.07 5.14
CA ALA D 15 -3.37 -2.94 5.84
C ALA D 15 -1.93 -2.50 5.59
N THR D 16 -1.60 -2.15 4.33
CA THR D 16 -0.23 -1.79 4.01
C THR D 16 0.21 -0.52 4.75
N VAL D 17 -0.73 0.35 5.06
CA VAL D 17 -0.39 1.63 5.68
C VAL D 17 -0.40 1.58 7.21
N TYR D 18 -1.31 0.80 7.82
CA TYR D 18 -1.55 0.92 9.24
C TYR D 18 -1.17 -0.30 10.08
N VAL D 19 -0.95 -1.47 9.47
CA VAL D 19 -0.47 -2.63 10.21
C VAL D 19 0.86 -3.14 9.67
N ASP D 20 1.05 -3.14 8.34
CA ASP D 20 2.29 -3.64 7.75
C ASP D 20 3.46 -2.69 7.91
N VAL D 21 3.19 -1.39 8.12
CA VAL D 21 4.27 -0.43 8.27
C VAL D 21 5.05 -0.65 9.56
N LEU D 22 4.46 -1.33 10.54
CA LEU D 22 5.16 -1.61 11.78
C LEU D 22 6.29 -2.63 11.55
N LYS D 23 5.99 -3.73 10.87
CA LYS D 23 7.00 -4.73 10.59
C LYS D 23 8.00 -4.23 9.55
N ASP D 24 7.54 -3.43 8.58
CA ASP D 24 8.44 -2.90 7.56
C ASP D 24 9.45 -1.93 8.16
N SER D 25 9.09 -1.25 9.25
CA SER D 25 10.05 -0.40 9.94
C SER D 25 11.19 -1.22 10.53
N GLY D 26 10.87 -2.36 11.14
CA GLY D 26 11.90 -3.24 11.68
C GLY D 26 12.79 -3.83 10.61
N ARG D 27 12.23 -4.13 9.44
CA ARG D 27 13.01 -4.67 8.34
C ARG D 27 14.11 -3.71 7.90
N ASP D 28 13.84 -2.40 8.00
CA ASP D 28 14.87 -1.42 7.67
C ASP D 28 16.02 -1.46 8.67
N TYR D 29 15.71 -1.64 9.95
CA TYR D 29 16.76 -1.75 10.95
C TYR D 29 17.65 -2.96 10.70
N VAL D 30 17.05 -4.10 10.33
CA VAL D 30 17.84 -5.29 10.04
C VAL D 30 18.69 -5.07 8.79
N SER D 31 18.11 -4.49 7.74
CA SER D 31 18.86 -4.27 6.50
C SER D 31 19.95 -3.23 6.66
N GLN D 32 19.85 -2.35 7.66
CA GLN D 32 20.89 -1.36 7.88
C GLN D 32 22.22 -2.02 8.24
N PHE D 33 22.19 -3.05 9.07
CA PHE D 33 23.40 -3.75 9.49
C PHE D 33 23.79 -4.86 8.53
N GLU D 34 22.83 -5.46 7.84
CA GLU D 34 23.14 -6.53 6.89
C GLU D 34 23.96 -5.98 5.72
N GLY D 35 23.62 -4.79 5.25
CA GLY D 35 24.29 -4.16 4.14
C GLY D 35 25.42 -3.20 4.50
N SER D 36 25.85 -3.18 5.76
CA SER D 36 26.92 -2.29 6.17
C SER D 36 28.28 -2.88 5.78
N ALA D 37 29.35 -2.20 6.17
CA ALA D 37 30.69 -2.70 5.89
C ALA D 37 30.93 -4.02 6.62
N LEU D 38 30.50 -4.12 7.87
CA LEU D 38 30.64 -5.37 8.62
C LEU D 38 29.79 -6.47 7.98
N GLY D 39 28.56 -6.16 7.60
CA GLY D 39 27.70 -7.17 7.01
C GLY D 39 28.25 -7.73 5.73
N LYS D 40 28.84 -6.88 4.89
CA LYS D 40 29.49 -7.36 3.68
C LYS D 40 30.67 -8.26 4.02
N GLN D 41 31.43 -7.90 5.05
CA GLN D 41 32.58 -8.70 5.44
C GLN D 41 32.16 -10.06 5.97
N LEU D 42 31.04 -10.12 6.71
CA LEU D 42 30.54 -11.39 7.23
C LEU D 42 29.71 -12.17 6.23
N ASN D 43 29.38 -11.59 5.08
CA ASN D 43 28.47 -12.19 4.11
C ASN D 43 27.14 -12.55 4.79
N LEU D 44 26.64 -11.60 5.56
CA LEU D 44 25.41 -11.81 6.33
C LEU D 44 24.20 -11.93 5.42
N LYS D 45 23.34 -12.89 5.74
CA LYS D 45 22.05 -13.09 5.07
C LYS D 45 21.00 -13.09 6.18
N LEU D 46 20.49 -11.91 6.51
CA LEU D 46 19.54 -11.75 7.62
C LEU D 46 18.09 -11.67 7.18
N LEU D 47 17.83 -11.11 6.00
CA LEU D 47 16.45 -10.91 5.54
C LEU D 47 15.93 -12.09 4.73
N ASP D 48 16.72 -13.15 4.57
CA ASP D 48 16.23 -14.34 3.90
C ASP D 48 15.11 -14.96 4.72
N ASN D 49 13.99 -15.28 4.07
CA ASN D 49 12.82 -15.83 4.73
C ASN D 49 12.38 -14.92 5.89
N TRP D 50 11.87 -13.76 5.49
CA TRP D 50 11.41 -12.73 6.41
C TRP D 50 9.95 -12.36 6.21
N ASP D 51 9.45 -12.39 4.98
CA ASP D 51 8.06 -12.08 4.73
C ASP D 51 7.17 -13.13 5.38
N SER D 52 6.01 -12.69 5.89
CA SER D 52 5.08 -13.60 6.53
C SER D 52 4.55 -14.61 5.52
N VAL D 53 4.33 -15.84 5.99
CA VAL D 53 3.77 -16.87 5.13
C VAL D 53 2.38 -16.48 4.66
N THR D 54 1.56 -15.97 5.56
CA THR D 54 0.23 -15.47 5.24
C THR D 54 0.23 -13.95 5.41
N SER D 55 -0.15 -13.24 4.35
CA SER D 55 -0.18 -11.79 4.40
C SER D 55 -1.27 -11.31 5.36
N THR D 56 -1.07 -10.10 5.90
CA THR D 56 -2.04 -9.54 6.83
C THR D 56 -3.39 -9.32 6.16
N PHE D 57 -3.41 -9.10 4.84
CA PHE D 57 -4.67 -8.97 4.13
C PHE D 57 -5.46 -10.27 4.13
N SER D 58 -4.76 -11.40 4.00
CA SER D 58 -5.43 -12.70 4.07
C SER D 58 -6.02 -12.94 5.46
N LYS D 59 -5.30 -12.52 6.49
CA LYS D 59 -5.81 -12.67 7.86
C LYS D 59 -7.07 -11.85 8.07
N LEU D 60 -7.14 -10.66 7.48
CA LEU D 60 -8.33 -9.83 7.60
C LEU D 60 -9.54 -10.51 6.95
N ARG D 61 -9.34 -11.12 5.78
CA ARG D 61 -10.45 -11.77 5.09
C ARG D 61 -10.91 -13.02 5.83
N GLU D 62 -9.99 -13.73 6.50
CA GLU D 62 -10.39 -14.91 7.26
C GLU D 62 -11.36 -14.54 8.38
N GLN D 63 -11.10 -13.43 9.07
CA GLN D 63 -11.98 -12.99 10.14
C GLN D 63 -13.29 -12.42 9.63
N LEU D 64 -13.38 -12.12 8.33
CA LEU D 64 -14.60 -11.56 7.72
C LEU D 64 -14.94 -12.40 6.49
N GLY D 65 -15.50 -13.59 6.72
CA GLY D 65 -15.83 -14.49 5.65
C GLY D 65 -16.85 -13.92 4.68
N PRO D 66 -18.09 -13.78 5.13
CA PRO D 66 -19.14 -13.22 4.26
C PRO D 66 -18.98 -11.72 4.08
N VAL D 67 -19.27 -11.27 2.86
CA VAL D 67 -19.22 -9.85 2.52
C VAL D 67 -20.42 -9.52 1.64
N THR D 68 -21.06 -8.38 1.92
CA THR D 68 -22.24 -7.95 1.19
C THR D 68 -22.11 -6.45 0.92
N GLN D 69 -22.96 -5.95 0.02
CA GLN D 69 -22.95 -4.53 -0.31
C GLN D 69 -23.27 -3.66 0.91
N GLU D 70 -23.93 -4.21 1.93
CA GLU D 70 -24.17 -3.45 3.16
C GLU D 70 -22.85 -3.08 3.83
N PHE D 71 -21.89 -4.02 3.83
CA PHE D 71 -20.57 -3.72 4.40
C PHE D 71 -19.88 -2.62 3.61
N TRP D 72 -19.97 -2.67 2.28
CA TRP D 72 -19.33 -1.65 1.45
C TRP D 72 -19.95 -0.28 1.68
N ASP D 73 -21.28 -0.23 1.83
CA ASP D 73 -21.93 1.05 2.10
C ASP D 73 -21.46 1.65 3.42
N ASN D 74 -21.34 0.82 4.46
CA ASN D 74 -20.79 1.31 5.72
C ASN D 74 -19.32 1.67 5.59
N LEU D 75 -18.59 0.98 4.72
CA LEU D 75 -17.18 1.31 4.50
C LEU D 75 -17.02 2.72 3.95
N GLU D 76 -17.84 3.08 2.95
CA GLU D 76 -17.74 4.42 2.37
C GLU D 76 -18.09 5.50 3.40
N LYS D 77 -19.10 5.24 4.23
CA LYS D 77 -19.54 6.23 5.19
C LYS D 77 -18.57 6.35 6.36
N GLU D 78 -17.98 5.23 6.80
CA GLU D 78 -17.25 5.19 8.06
C GLU D 78 -15.76 4.88 7.87
N THR D 79 -15.20 5.23 6.71
CA THR D 79 -13.76 5.07 6.54
C THR D 79 -12.98 6.15 7.26
N GLU D 80 -13.54 7.36 7.36
CA GLU D 80 -12.86 8.45 8.06
C GLU D 80 -12.67 8.11 9.53
N GLY D 81 -13.71 7.58 10.18
CA GLY D 81 -13.57 7.19 11.58
C GLY D 81 -12.59 6.06 11.77
N LEU D 82 -12.61 5.07 10.87
CA LEU D 82 -11.65 3.98 10.94
C LEU D 82 -10.23 4.49 10.73
N ARG D 83 -10.04 5.39 9.75
CA ARG D 83 -8.71 5.90 9.46
C ARG D 83 -8.15 6.72 10.61
N GLN D 84 -8.99 7.54 11.25
CA GLN D 84 -8.51 8.37 12.35
C GLN D 84 -8.14 7.53 13.57
N GLU D 85 -8.95 6.51 13.88
CA GLU D 85 -8.67 5.68 15.05
C GLU D 85 -7.36 4.91 14.89
N MET D 86 -7.11 4.37 13.69
CA MET D 86 -5.89 3.60 13.47
C MET D 86 -4.65 4.47 13.59
N SER D 87 -4.73 5.72 13.15
CA SER D 87 -3.59 6.62 13.27
C SER D 87 -3.23 6.86 14.73
N LYS D 88 -4.25 7.03 15.59
CA LYS D 88 -4.00 7.23 17.01
C LYS D 88 -3.38 5.99 17.65
N ASP D 89 -3.89 4.81 17.29
CA ASP D 89 -3.36 3.58 17.87
C ASP D 89 -1.94 3.30 17.40
N LEU D 90 -1.66 3.57 16.12
CA LEU D 90 -0.34 3.28 15.58
C LEU D 90 0.74 4.12 16.24
N GLU D 91 0.48 5.40 16.47
CA GLU D 91 1.47 6.27 17.11
C GLU D 91 1.74 5.83 18.54
N GLU D 92 0.70 5.40 19.25
CA GLU D 92 0.89 4.90 20.60
C GLU D 92 1.78 3.65 20.62
N VAL D 93 1.55 2.74 19.66
CA VAL D 93 2.31 1.49 19.63
C VAL D 93 3.75 1.75 19.22
N LYS D 94 3.97 2.64 18.25
CA LYS D 94 5.33 2.92 17.79
C LYS D 94 6.19 3.49 18.92
N ALA D 95 5.63 4.38 19.73
CA ALA D 95 6.38 4.91 20.86
C ALA D 95 6.70 3.83 21.89
N LYS D 96 5.78 2.88 22.06
CA LYS D 96 6.02 1.80 23.02
C LYS D 96 7.12 0.86 22.54
N VAL D 97 7.15 0.57 21.23
CA VAL D 97 8.17 -0.33 20.68
C VAL D 97 9.43 0.41 20.28
N GLN D 98 9.44 1.74 20.33
CA GLN D 98 10.63 2.49 19.95
C GLN D 98 11.85 2.17 20.82
N PRO D 99 11.75 2.11 22.16
CA PRO D 99 12.95 1.75 22.95
C PRO D 99 13.52 0.39 22.59
N TYR D 100 12.67 -0.58 22.25
CA TYR D 100 13.18 -1.89 21.84
C TYR D 100 13.96 -1.78 20.53
N LEU D 101 13.45 -0.98 19.58
CA LEU D 101 14.20 -0.75 18.34
C LEU D 101 15.49 0.00 18.61
N ASP D 102 15.46 0.99 19.51
CA ASP D 102 16.67 1.69 19.90
C ASP D 102 17.64 0.75 20.61
N ASP D 103 17.12 -0.10 21.49
CA ASP D 103 17.97 -1.08 22.18
C ASP D 103 18.58 -2.05 21.17
N PHE D 104 17.79 -2.50 20.19
CA PHE D 104 18.30 -3.42 19.18
C PHE D 104 19.44 -2.79 18.38
N GLN D 105 19.26 -1.53 17.97
CA GLN D 105 20.29 -0.87 17.18
C GLN D 105 21.52 -0.55 18.02
N LYS D 106 21.32 -0.10 19.26
CA LYS D 106 22.45 0.31 20.09
C LYS D 106 23.32 -0.88 20.48
N LYS D 107 22.71 -1.98 20.92
CA LYS D 107 23.49 -3.15 21.32
C LYS D 107 24.19 -3.80 20.13
N TRP D 108 23.58 -3.72 18.94
CA TRP D 108 24.21 -4.28 17.75
C TRP D 108 25.47 -3.49 17.39
N GLN D 109 25.40 -2.15 17.46
CA GLN D 109 26.55 -1.33 17.11
C GLN D 109 27.72 -1.56 18.05
N GLU D 110 27.44 -1.93 19.31
CA GLU D 110 28.51 -2.22 20.25
C GLU D 110 29.32 -3.43 19.81
N GLU D 111 28.64 -4.47 19.30
CA GLU D 111 29.36 -5.64 18.81
C GLU D 111 30.18 -5.31 17.57
N MET D 112 29.73 -4.36 16.75
CA MET D 112 30.47 -3.97 15.56
C MET D 112 31.82 -3.38 15.92
N GLU D 113 31.86 -2.54 16.96
CA GLU D 113 33.12 -1.96 17.40
C GLU D 113 34.08 -3.02 17.93
N LEU D 114 33.55 -3.98 18.71
CA LEU D 114 34.39 -5.07 19.20
C LEU D 114 34.90 -5.93 18.06
N TYR D 115 34.07 -6.18 17.06
CA TYR D 115 34.48 -6.99 15.92
C TYR D 115 35.60 -6.32 15.13
N ARG D 116 35.46 -5.02 14.87
CA ARG D 116 36.42 -4.33 14.02
C ARG D 116 37.81 -4.30 14.66
N GLN D 117 37.86 -4.05 15.97
CA GLN D 117 39.13 -3.97 16.68
C GLN D 117 39.82 -5.33 16.80
N LYS D 118 39.13 -6.42 16.46
CA LYS D 118 39.73 -7.74 16.44
C LYS D 118 40.23 -8.16 15.07
N VAL D 119 39.75 -7.51 14.01
CA VAL D 119 40.16 -7.82 12.65
C VAL D 119 41.10 -6.76 12.07
N GLU D 120 40.95 -5.49 12.48
CA GLU D 120 41.86 -4.46 12.00
C GLU D 120 43.33 -4.74 12.28
N PRO D 121 43.73 -5.22 13.47
CA PRO D 121 45.15 -5.59 13.65
C PRO D 121 45.63 -6.64 12.66
N LEU D 122 44.76 -7.59 12.30
CA LEU D 122 45.14 -8.58 11.30
C LEU D 122 45.23 -7.96 9.91
N ARG D 123 44.36 -6.98 9.62
CA ARG D 123 44.40 -6.31 8.33
C ARG D 123 45.72 -5.55 8.14
N ALA D 124 46.20 -4.90 9.21
CA ALA D 124 47.47 -4.18 9.12
C ALA D 124 48.63 -5.12 8.87
N GLU D 125 48.60 -6.30 9.50
CA GLU D 125 49.66 -7.28 9.29
C GLU D 125 49.67 -7.80 7.86
N LEU D 126 48.47 -8.06 7.30
CA LEU D 126 48.39 -8.64 5.96
C LEU D 126 48.77 -7.64 4.88
N GLN D 127 48.54 -6.35 5.11
CA GLN D 127 48.88 -5.27 4.17
C GLN D 127 48.10 -5.50 2.88
N GLU D 128 48.76 -5.68 1.73
CA GLU D 128 48.06 -5.81 0.47
C GLU D 128 47.28 -7.11 0.35
N GLY D 129 47.59 -8.11 1.16
CA GLY D 129 46.87 -9.37 1.12
C GLY D 129 45.64 -9.43 1.99
N ALA D 130 45.28 -8.32 2.64
CA ALA D 130 44.14 -8.34 3.56
C ALA D 130 42.81 -8.52 2.83
N ARG D 131 42.69 -7.99 1.62
CA ARG D 131 41.41 -8.08 0.90
C ARG D 131 41.04 -9.52 0.59
N GLN D 132 42.01 -10.34 0.18
CA GLN D 132 41.74 -11.70 -0.24
C GLN D 132 41.86 -12.70 0.89
N LYS D 133 42.78 -12.48 1.84
CA LYS D 133 42.91 -13.40 2.97
C LYS D 133 41.68 -13.36 3.86
N LEU D 134 41.11 -12.17 4.06
CA LEU D 134 39.92 -12.03 4.90
C LEU D 134 38.67 -12.60 4.26
N HIS D 135 38.74 -13.01 2.99
CA HIS D 135 37.59 -13.67 2.36
C HIS D 135 37.29 -15.00 3.01
N GLU D 136 38.26 -15.60 3.71
CA GLU D 136 38.00 -16.83 4.46
C GLU D 136 37.01 -16.61 5.60
N LEU D 137 36.86 -15.36 6.05
CA LEU D 137 35.92 -15.02 7.12
C LEU D 137 34.47 -15.18 6.69
N GLN D 138 34.20 -15.32 5.40
CA GLN D 138 32.85 -15.56 4.90
C GLN D 138 32.54 -17.04 4.73
N GLU D 139 33.45 -17.93 5.10
CA GLU D 139 33.30 -19.36 4.89
C GLU D 139 33.01 -20.06 6.21
N LYS D 140 32.76 -21.38 6.12
CA LYS D 140 32.37 -22.16 7.29
C LYS D 140 33.52 -22.36 8.25
N LEU D 141 34.76 -22.40 7.76
CA LEU D 141 35.90 -22.75 8.59
C LEU D 141 36.22 -21.69 9.63
N SER D 142 35.70 -20.47 9.48
CA SER D 142 36.00 -19.40 10.41
C SER D 142 35.18 -19.55 11.69
N PRO D 143 35.82 -19.64 12.86
CA PRO D 143 35.05 -19.72 14.11
C PRO D 143 34.28 -18.44 14.40
N LEU D 144 34.96 -17.30 14.31
CA LEU D 144 34.31 -16.02 14.60
C LEU D 144 33.20 -15.72 13.60
N GLY D 145 33.45 -16.00 12.32
CA GLY D 145 32.44 -15.73 11.30
C GLY D 145 31.17 -16.54 11.52
N GLU D 146 31.32 -17.83 11.86
CA GLU D 146 30.16 -18.64 12.19
C GLU D 146 29.48 -18.16 13.47
N GLU D 147 30.28 -17.73 14.46
CA GLU D 147 29.72 -17.22 15.70
C GLU D 147 28.91 -15.95 15.45
N MET D 148 29.41 -15.05 14.60
CA MET D 148 28.69 -13.82 14.31
C MET D 148 27.35 -14.09 13.64
N ARG D 149 27.32 -15.03 12.70
CA ARG D 149 26.07 -15.35 12.01
C ARG D 149 25.04 -15.94 12.96
N ASP D 150 25.47 -16.81 13.86
CA ASP D 150 24.55 -17.35 14.86
C ASP D 150 24.02 -16.24 15.78
N ARG D 151 24.91 -15.34 16.20
CA ARG D 151 24.47 -14.21 17.01
C ARG D 151 23.58 -13.26 16.20
N ALA D 152 23.82 -13.16 14.89
CA ALA D 152 22.95 -12.35 14.04
C ALA D 152 21.54 -12.91 14.00
N ARG D 153 21.41 -14.23 13.88
CA ARG D 153 20.09 -14.85 13.86
C ARG D 153 19.35 -14.65 15.18
N ALA D 154 20.08 -14.71 16.29
CA ALA D 154 19.44 -14.55 17.60
C ALA D 154 18.82 -13.17 17.75
N HIS D 155 19.53 -12.13 17.30
CA HIS D 155 19.03 -10.78 17.45
C HIS D 155 17.84 -10.50 16.53
N VAL D 156 17.92 -10.94 15.27
CA VAL D 156 16.85 -10.64 14.32
C VAL D 156 15.58 -11.40 14.69
N ASP D 157 15.71 -12.65 15.14
CA ASP D 157 14.54 -13.42 15.54
C ASP D 157 13.92 -12.86 16.81
N ALA D 158 14.73 -12.38 17.75
CA ALA D 158 14.18 -11.76 18.96
C ALA D 158 13.37 -10.52 18.62
N LEU D 159 13.87 -9.69 17.69
CA LEU D 159 13.12 -8.52 17.26
C LEU D 159 11.81 -8.92 16.59
N ARG D 160 11.85 -9.95 15.73
CA ARG D 160 10.65 -10.37 15.02
C ARG D 160 9.58 -10.87 15.97
N THR D 161 9.97 -11.65 16.98
CA THR D 161 9.00 -12.16 17.95
C THR D 161 8.52 -11.08 18.90
N HIS D 162 9.30 -10.01 19.09
CA HIS D 162 8.89 -8.95 20.02
C HIS D 162 7.77 -8.10 19.44
N LEU D 163 7.88 -7.73 18.16
CA LEU D 163 6.88 -6.88 17.52
C LEU D 163 5.73 -7.67 16.93
N ALA D 164 5.79 -9.01 16.96
CA ALA D 164 4.68 -9.81 16.45
C ALA D 164 3.38 -9.56 17.21
N PRO D 165 3.34 -9.54 18.54
CA PRO D 165 2.08 -9.20 19.22
C PRO D 165 1.57 -7.81 18.89
N TYR D 166 2.47 -6.83 18.70
CA TYR D 166 2.04 -5.48 18.36
C TYR D 166 1.39 -5.44 16.99
N SER D 167 1.97 -6.15 16.01
CA SER D 167 1.36 -6.20 14.68
C SER D 167 0.02 -6.92 14.73
N ASP D 168 -0.09 -7.98 15.54
CA ASP D 168 -1.38 -8.65 15.69
C ASP D 168 -2.41 -7.74 16.35
N GLU D 169 -1.97 -6.95 17.34
CA GLU D 169 -2.89 -6.02 18.00
C GLU D 169 -3.41 -4.97 17.04
N LEU D 170 -2.53 -4.43 16.19
CA LEU D 170 -2.96 -3.47 15.18
C LEU D 170 -3.94 -4.10 14.20
N ARG D 171 -3.65 -5.32 13.74
CA ARG D 171 -4.55 -6.00 12.83
C ARG D 171 -5.87 -6.34 13.52
N GLN D 172 -5.83 -6.73 14.79
CA GLN D 172 -7.06 -7.08 15.51
C GLN D 172 -7.99 -5.90 15.62
N ARG D 173 -7.46 -4.72 15.94
CA ARG D 173 -8.30 -3.52 15.98
C ARG D 173 -8.84 -3.18 14.60
N LEU D 174 -8.02 -3.34 13.56
CA LEU D 174 -8.48 -3.10 12.20
C LEU D 174 -9.60 -4.07 11.83
N ALA D 175 -9.46 -5.33 12.23
CA ALA D 175 -10.52 -6.31 11.98
C ALA D 175 -11.78 -5.97 12.78
N ALA D 176 -11.62 -5.53 14.02
CA ALA D 176 -12.77 -5.17 14.84
C ALA D 176 -13.53 -3.99 14.26
N ARG D 177 -12.80 -2.99 13.76
CA ARG D 177 -13.45 -1.85 13.11
C ARG D 177 -14.20 -2.30 11.86
N LEU D 178 -13.60 -3.20 11.07
CA LEU D 178 -14.27 -3.71 9.88
C LEU D 178 -15.42 -4.65 10.23
N GLU D 179 -15.31 -5.37 11.35
CA GLU D 179 -16.36 -6.31 11.72
C GLU D 179 -17.67 -5.59 12.05
N ALA D 180 -17.58 -4.42 12.68
CA ALA D 180 -18.79 -3.67 13.02
C ALA D 180 -19.52 -3.15 11.78
N LEU D 181 -18.81 -2.99 10.66
CA LEU D 181 -19.45 -2.50 9.44
C LEU D 181 -20.34 -3.56 8.81
N LYS D 182 -19.97 -4.83 8.92
CA LYS D 182 -20.77 -5.90 8.33
C LYS D 182 -22.15 -6.00 8.96
N GLU D 183 -22.21 -5.87 10.29
CA GLU D 183 -23.47 -6.00 11.04
C GLU D 183 -24.13 -7.35 10.79
N GLU E 1 46.67 -22.05 32.33
CA GLU E 1 47.27 -21.70 31.05
C GLU E 1 46.70 -22.55 29.92
N VAL E 2 47.02 -22.18 28.69
CA VAL E 2 46.54 -22.92 27.52
C VAL E 2 47.49 -24.09 27.27
N GLN E 3 46.92 -25.29 27.18
CA GLN E 3 47.71 -26.50 26.95
C GLN E 3 46.84 -27.51 26.21
N LEU E 4 47.51 -28.45 25.55
CA LEU E 4 46.83 -29.51 24.82
C LEU E 4 47.37 -30.86 25.30
N GLN E 5 46.48 -31.73 25.73
CA GLN E 5 46.84 -33.05 26.23
C GLN E 5 46.42 -34.09 25.21
N GLN E 6 47.38 -34.87 24.72
CA GLN E 6 47.13 -35.92 23.75
C GLN E 6 47.24 -37.30 24.39
N SER E 7 46.65 -38.28 23.72
CA SER E 7 46.65 -39.65 24.22
C SER E 7 48.04 -40.27 24.10
N GLY E 8 48.21 -41.41 24.78
CA GLY E 8 49.49 -42.08 24.80
C GLY E 8 49.80 -42.79 23.49
N PRO E 9 50.99 -43.38 23.44
CA PRO E 9 51.41 -44.08 22.22
C PRO E 9 50.47 -45.24 21.88
N GLU E 10 50.28 -45.45 20.58
CA GLU E 10 49.36 -46.46 20.07
C GLU E 10 50.07 -47.37 19.09
N LEU E 11 49.81 -48.67 19.19
CA LEU E 11 50.33 -49.66 18.27
C LEU E 11 49.16 -50.33 17.57
N VAL E 12 49.13 -50.25 16.25
CA VAL E 12 48.03 -50.79 15.45
C VAL E 12 48.59 -51.59 14.29
N LYS E 13 47.98 -52.74 14.02
CA LYS E 13 48.41 -53.57 12.90
C LYS E 13 48.00 -52.91 11.58
N PRO E 14 48.73 -53.21 10.50
CA PRO E 14 48.36 -52.66 9.19
C PRO E 14 46.95 -53.06 8.77
N GLY E 15 46.24 -52.12 8.15
CA GLY E 15 44.87 -52.31 7.74
C GLY E 15 43.82 -51.96 8.78
N GLY E 16 44.24 -51.67 10.01
CA GLY E 16 43.31 -51.29 11.06
C GLY E 16 43.03 -49.81 11.05
N SER E 17 42.34 -49.35 12.10
CA SER E 17 41.99 -47.95 12.25
C SER E 17 42.45 -47.46 13.61
N LEU E 18 42.68 -46.15 13.69
CA LEU E 18 43.21 -45.51 14.89
C LEU E 18 42.45 -44.22 15.16
N LYS E 19 42.40 -43.83 16.43
CA LYS E 19 41.74 -42.59 16.83
C LYS E 19 42.58 -41.94 17.93
N LEU E 20 43.03 -40.72 17.68
CA LEU E 20 43.83 -39.96 18.63
C LEU E 20 42.97 -38.93 19.34
N SER E 21 43.42 -38.53 20.52
CA SER E 21 42.73 -37.54 21.34
C SER E 21 43.60 -36.31 21.52
N CYS E 22 42.95 -35.16 21.63
CA CYS E 22 43.63 -33.88 21.84
C CYS E 22 42.70 -33.02 22.70
N LYS E 23 42.91 -33.06 24.01
CA LYS E 23 42.06 -32.36 24.96
C LYS E 23 42.59 -30.94 25.17
N ALA E 24 41.71 -29.96 25.05
CA ALA E 24 42.05 -28.55 25.17
C ALA E 24 41.55 -28.00 26.50
N SER E 25 42.33 -27.09 27.08
CA SER E 25 41.96 -26.45 28.33
C SER E 25 42.61 -25.08 28.40
N GLY E 26 42.06 -24.22 29.26
CA GLY E 26 42.56 -22.87 29.43
C GLY E 26 42.07 -21.87 28.41
N UNK E 27 41.22 -22.28 27.48
CA UNK E 27 40.68 -21.38 26.47
C UNK E 27 39.35 -21.94 25.98
N UNK E 28 38.75 -21.25 25.01
CA UNK E 28 37.50 -21.69 24.42
C UNK E 28 37.81 -22.60 23.24
N UNK E 29 37.34 -23.86 23.31
CA UNK E 29 37.63 -24.82 22.26
C UNK E 29 37.04 -24.38 20.93
N UNK E 30 35.80 -23.88 20.95
CA UNK E 30 35.13 -23.45 19.72
C UNK E 30 35.64 -22.12 19.19
N UNK E 31 36.50 -21.41 19.95
CA UNK E 31 36.93 -20.10 19.54
C UNK E 31 38.03 -20.07 18.51
N UNK E 32 38.82 -21.15 18.39
CA UNK E 32 39.94 -21.17 17.47
C UNK E 32 39.96 -22.50 16.73
N UNK E 33 40.42 -22.46 15.48
CA UNK E 33 40.52 -23.66 14.67
C UNK E 33 41.66 -24.55 15.15
N MET E 34 41.47 -25.86 15.02
CA MET E 34 42.44 -26.84 15.48
C MET E 34 43.10 -27.51 14.29
N ASN E 35 44.43 -27.63 14.35
CA ASN E 35 45.22 -28.21 13.27
C ASN E 35 45.86 -29.52 13.74
N TRP E 36 46.21 -30.35 12.77
CA TRP E 36 46.91 -31.61 13.01
C TRP E 36 48.13 -31.67 12.10
N VAL E 37 49.29 -31.99 12.67
CA VAL E 37 50.54 -32.05 11.94
C VAL E 37 51.19 -33.41 12.18
N ARG E 38 51.62 -34.05 11.10
CA ARG E 38 52.28 -35.34 11.14
C ARG E 38 53.76 -35.16 10.84
N GLN E 39 54.61 -35.78 11.66
CA GLN E 39 56.06 -35.72 11.48
C GLN E 39 56.64 -37.10 11.64
N SER E 40 57.26 -37.62 10.57
CA SER E 40 57.98 -38.88 10.64
C SER E 40 59.30 -38.67 11.37
N HIS E 41 59.96 -39.79 11.70
CA HIS E 41 61.21 -39.72 12.44
C HIS E 41 62.29 -39.06 11.59
N GLY E 42 62.83 -37.95 12.10
CA GLY E 42 63.88 -37.22 11.40
C GLY E 42 63.45 -36.65 10.07
N LYS E 43 62.19 -36.25 9.94
CA LYS E 43 61.68 -35.69 8.70
C LYS E 43 60.99 -34.36 8.99
N SER E 44 60.47 -33.73 7.94
CA SER E 44 59.85 -32.42 8.07
C SER E 44 58.42 -32.54 8.57
N LEU E 45 57.93 -31.44 9.13
CA LEU E 45 56.53 -31.36 9.55
C LEU E 45 55.60 -31.36 8.34
N GLU E 46 54.48 -32.06 8.46
CA GLU E 46 53.50 -32.16 7.39
C GLU E 46 52.12 -31.83 7.95
N TRP E 47 51.52 -30.76 7.43
CA TRP E 47 50.19 -30.36 7.87
C TRP E 47 49.15 -31.34 7.33
N VAL E 48 48.29 -31.84 8.22
CA VAL E 48 47.31 -32.85 7.84
C VAL E 48 45.98 -32.20 7.47
N ALA E 49 45.35 -31.53 8.42
CA ALA E 49 44.02 -30.97 8.20
C ALA E 49 43.72 -29.98 9.32
N UNK E 50 42.55 -29.34 9.21
CA UNK E 50 42.06 -28.42 10.22
C UNK E 50 40.58 -28.69 10.46
N UNK E 51 40.13 -28.33 11.66
CA UNK E 51 38.74 -28.50 12.04
C UNK E 51 38.25 -27.25 12.75
N UNK E 52 37.05 -26.79 12.38
CA UNK E 52 36.39 -25.69 13.07
C UNK E 52 35.56 -26.28 14.20
N UNK E 53 36.01 -26.08 15.45
CA UNK E 53 35.35 -26.70 16.59
C UNK E 53 33.92 -26.22 16.75
N UNK E 54 33.67 -24.93 16.49
CA UNK E 54 32.33 -24.38 16.67
C UNK E 54 31.32 -25.03 15.73
N UNK E 55 31.69 -25.22 14.47
CA UNK E 55 30.77 -25.71 13.45
C UNK E 55 31.02 -27.16 13.04
N UNK E 56 32.20 -27.70 13.30
CA UNK E 56 32.53 -29.05 12.86
C UNK E 56 33.03 -29.15 11.45
N UNK E 57 33.19 -28.03 10.74
CA UNK E 57 33.71 -28.06 9.39
C UNK E 57 35.15 -28.54 9.37
N UNK E 58 35.49 -29.29 8.32
CA UNK E 58 36.82 -29.88 8.19
C UNK E 58 37.41 -29.51 6.84
N ALA E 59 38.71 -29.23 6.83
CA ALA E 59 39.45 -28.90 5.62
C ALA E 59 40.69 -29.78 5.56
N TYR E 60 40.69 -30.75 4.66
CA TYR E 60 41.80 -31.69 4.50
C TYR E 60 42.67 -31.27 3.33
N ASN E 61 43.97 -31.57 3.45
CA ASN E 61 44.90 -31.32 2.36
C ASN E 61 44.87 -32.52 1.39
N GLN E 62 45.66 -32.42 0.33
CA GLN E 62 45.68 -33.49 -0.66
C GLN E 62 46.32 -34.76 -0.12
N LYS E 63 47.29 -34.62 0.79
CA LYS E 63 47.98 -35.79 1.33
C LYS E 63 47.02 -36.69 2.11
N PHE E 64 46.16 -36.11 2.94
CA PHE E 64 45.28 -36.86 3.83
C PHE E 64 43.82 -36.54 3.55
N LYS E 65 43.47 -36.39 2.27
CA LYS E 65 42.10 -36.03 1.91
C LYS E 65 41.11 -37.11 2.33
N GLY E 66 41.45 -38.37 2.11
CA GLY E 66 40.55 -39.46 2.45
C GLY E 66 41.06 -40.36 3.56
N LYS E 67 42.37 -40.30 3.82
CA LYS E 67 42.96 -41.18 4.82
C LYS E 67 42.64 -40.73 6.24
N ALA E 68 42.46 -39.43 6.47
CA ALA E 68 42.22 -38.89 7.80
C ALA E 68 40.82 -38.30 7.89
N THR E 69 40.26 -38.34 9.10
CA THR E 69 38.94 -37.78 9.39
C THR E 69 38.99 -37.06 10.73
N LEU E 70 38.53 -35.82 10.75
CA LEU E 70 38.59 -34.97 11.94
C LEU E 70 37.20 -34.79 12.53
N THR E 71 37.10 -34.93 13.85
CA THR E 71 35.86 -34.71 14.58
C THR E 71 36.15 -33.88 15.82
N VAL E 72 35.08 -33.35 16.41
CA VAL E 72 35.19 -32.50 17.61
C VAL E 72 34.09 -32.91 18.58
N ASP E 73 34.41 -32.89 19.87
CA ASP E 73 33.43 -33.11 20.93
C ASP E 73 33.32 -31.82 21.73
N LYS E 74 32.22 -31.09 21.52
CA LYS E 74 32.06 -29.78 22.15
C LYS E 74 31.96 -29.89 23.67
N SER E 75 31.22 -30.89 24.16
CA SER E 75 30.98 -31.00 25.60
C SER E 75 32.27 -31.25 26.36
N SER E 76 33.13 -32.14 25.86
CA SER E 76 34.39 -32.45 26.51
C SER E 76 35.53 -31.55 26.08
N SER E 77 35.31 -30.66 25.10
CA SER E 77 36.33 -29.76 24.59
C SER E 77 37.57 -30.51 24.13
N THR E 78 37.37 -31.60 23.42
CA THR E 78 38.44 -32.42 22.88
C THR E 78 38.28 -32.57 21.39
N ALA E 79 39.41 -32.60 20.67
CA ALA E 79 39.44 -32.81 19.24
C ALA E 79 40.02 -34.19 18.93
N TYR E 80 39.40 -34.89 18.00
CA TYR E 80 39.77 -36.26 17.66
C TYR E 80 40.27 -36.33 16.23
N MET E 81 41.27 -37.16 16.00
CA MET E 81 41.78 -37.45 14.66
C MET E 81 41.73 -38.96 14.43
N GLU E 82 41.21 -39.37 13.29
CA GLU E 82 41.02 -40.78 12.97
C GLU E 82 41.75 -41.09 11.66
N LEU E 83 42.51 -42.18 11.65
CA LEU E 83 43.22 -42.64 10.47
C LEU E 83 42.60 -43.94 9.98
N SER E 84 42.40 -44.03 8.67
CA SER E 84 41.75 -45.18 8.04
C SER E 84 42.78 -45.97 7.24
N SER E 85 42.80 -47.29 7.44
CA SER E 85 43.67 -48.19 6.70
C SER E 85 45.13 -47.77 6.82
N LEU E 86 45.65 -47.82 8.05
CA LEU E 86 47.02 -47.42 8.30
C LEU E 86 48.00 -48.40 7.66
N THR E 87 49.17 -47.89 7.30
CA THR E 87 50.23 -48.69 6.71
C THR E 87 51.53 -48.37 7.43
N SER E 88 52.62 -49.03 6.99
CA SER E 88 53.93 -48.77 7.59
C SER E 88 54.38 -47.34 7.38
N GLU E 89 54.00 -46.72 6.25
CA GLU E 89 54.37 -45.34 6.00
C GLU E 89 53.65 -44.37 6.92
N ASP E 90 52.57 -44.80 7.57
CA ASP E 90 51.83 -43.93 8.49
C ASP E 90 52.45 -43.89 9.87
N SER E 91 53.51 -44.64 10.13
CA SER E 91 54.17 -44.62 11.43
C SER E 91 54.92 -43.31 11.58
N ALA E 92 54.39 -42.40 12.41
CA ALA E 92 54.98 -41.10 12.61
C ALA E 92 54.48 -40.54 13.95
N VAL E 93 54.81 -39.28 14.22
CA VAL E 93 54.34 -38.56 15.40
C VAL E 93 53.34 -37.52 14.94
N TYR E 94 52.16 -37.50 15.57
CA TYR E 94 51.07 -36.63 15.18
C TYR E 94 50.85 -35.58 16.26
N TYR E 95 50.93 -34.31 15.88
CA TYR E 95 50.71 -33.19 16.77
C TYR E 95 49.34 -32.55 16.51
N CYS E 96 48.80 -31.90 17.54
CA CYS E 96 47.65 -31.02 17.40
C CYS E 96 48.03 -29.64 17.89
N ALA E 97 47.76 -28.62 17.07
CA ALA E 97 48.13 -27.25 17.36
C ALA E 97 46.95 -26.33 17.10
N ARG E 98 46.76 -25.37 17.99
CA ARG E 98 45.66 -24.41 17.89
C ARG E 98 46.07 -23.25 16.98
N UNK E 99 45.13 -22.80 16.16
CA UNK E 99 45.38 -21.64 15.30
C UNK E 99 45.55 -20.38 16.14
N UNK E 100 46.53 -19.55 15.77
CA UNK E 100 46.83 -18.35 16.53
C UNK E 100 45.78 -17.26 16.43
N UNK E 101 45.01 -17.25 15.34
CA UNK E 101 43.95 -16.27 15.20
C UNK E 101 42.83 -16.54 16.18
N UNK E 102 42.24 -15.46 16.72
CA UNK E 102 41.15 -15.60 17.66
C UNK E 102 39.82 -15.82 16.92
N UNK E 103 39.79 -16.81 16.04
CA UNK E 103 38.62 -17.10 15.24
C UNK E 103 38.48 -16.26 13.99
N UNK E 104 39.29 -15.20 13.84
CA UNK E 104 39.16 -14.33 12.67
C UNK E 104 39.49 -15.07 11.39
N UNK E 105 40.52 -15.91 11.41
CA UNK E 105 40.93 -16.67 10.23
C UNK E 105 41.04 -18.15 10.58
N UNK E 106 40.89 -19.00 9.56
CA UNK E 106 40.97 -20.44 9.77
C UNK E 106 42.39 -20.96 9.58
N UNK E 107 43.02 -20.64 8.45
CA UNK E 107 44.39 -21.05 8.16
C UNK E 107 45.33 -19.92 8.57
N UNK E 108 46.03 -20.09 9.69
CA UNK E 108 46.95 -19.10 10.18
C UNK E 108 48.07 -19.80 10.93
N UNK E 109 48.85 -19.04 11.68
CA UNK E 109 49.95 -19.60 12.45
C UNK E 109 49.43 -20.46 13.60
N UNK E 110 50.21 -21.48 13.94
CA UNK E 110 49.89 -22.39 15.05
C UNK E 110 50.52 -21.84 16.33
N UNK E 111 49.68 -21.43 17.28
CA UNK E 111 50.17 -20.75 18.47
C UNK E 111 50.70 -21.74 19.50
N UNK E 112 49.84 -22.61 20.02
CA UNK E 112 50.19 -23.54 21.07
C UNK E 112 50.11 -24.97 20.55
N TRP E 113 51.17 -25.74 20.74
CA TRP E 113 51.24 -27.12 20.30
C TRP E 113 51.05 -28.06 21.48
N GLY E 114 50.40 -29.20 21.22
CA GLY E 114 50.35 -30.27 22.18
C GLY E 114 51.53 -31.21 22.07
N GLN E 115 51.75 -31.98 23.13
CA GLN E 115 52.85 -32.95 23.13
C GLN E 115 52.57 -34.03 22.10
N GLY E 116 53.61 -34.42 21.37
CA GLY E 116 53.43 -35.39 20.30
C GLY E 116 52.99 -36.75 20.83
N THR E 117 52.29 -37.48 19.95
CA THR E 117 51.84 -38.84 20.23
C THR E 117 52.47 -39.76 19.20
N LEU E 118 53.15 -40.80 19.68
CA LEU E 118 53.85 -41.73 18.80
C LEU E 118 52.88 -42.78 18.25
N VAL E 119 52.89 -42.96 16.94
CA VAL E 119 52.07 -43.93 16.25
C VAL E 119 53.00 -44.83 15.45
N THR E 120 52.92 -46.14 15.68
CA THR E 120 53.71 -47.12 14.95
C THR E 120 52.80 -48.22 14.43
N VAL E 121 52.96 -48.56 13.15
CA VAL E 121 52.14 -49.57 12.49
C VAL E 121 53.05 -50.73 12.11
N SER E 122 52.73 -51.92 12.63
CA SER E 122 53.50 -53.12 12.33
C SER E 122 52.66 -54.34 12.66
N SER E 123 52.76 -55.36 11.81
CA SER E 123 52.08 -56.62 12.01
C SER E 123 52.89 -57.62 12.83
N ALA E 124 54.10 -57.25 13.26
CA ALA E 124 54.94 -58.15 14.02
C ALA E 124 54.38 -58.35 15.42
N LYS E 125 54.63 -59.54 15.97
CA LYS E 125 54.21 -59.88 17.32
C LYS E 125 55.26 -59.45 18.33
N THR E 126 54.87 -59.47 19.61
CA THR E 126 55.80 -59.14 20.69
C THR E 126 56.85 -60.23 20.81
N THR E 127 58.12 -59.86 20.66
CA THR E 127 59.21 -60.82 20.66
C THR E 127 60.24 -60.43 21.72
N PRO E 128 60.62 -61.33 22.62
CA PRO E 128 61.64 -61.00 23.61
C PRO E 128 62.99 -60.79 22.94
N PRO E 129 63.84 -59.95 23.50
CA PRO E 129 65.14 -59.67 22.88
C PRO E 129 66.13 -60.81 23.07
N SER E 130 67.10 -60.86 22.16
CA SER E 130 68.26 -61.73 22.28
C SER E 130 69.48 -60.86 22.57
N VAL E 131 70.13 -61.13 23.70
CA VAL E 131 71.25 -60.32 24.16
C VAL E 131 72.54 -61.12 24.01
N TYR E 132 73.51 -60.55 23.30
CA TYR E 132 74.78 -61.20 23.02
C TYR E 132 75.92 -60.33 23.55
N PRO E 133 76.76 -60.83 24.45
CA PRO E 133 77.89 -60.02 24.93
C PRO E 133 78.90 -59.79 23.83
N LEU E 134 79.61 -58.67 23.92
CA LEU E 134 80.62 -58.29 22.95
C LEU E 134 81.93 -58.00 23.66
N ALA E 135 82.94 -58.83 23.41
CA ALA E 135 84.28 -58.70 23.96
C ALA E 135 85.29 -58.58 22.83
N PRO E 136 86.44 -57.93 23.06
CA PRO E 136 87.41 -57.77 21.97
C PRO E 136 87.86 -59.08 21.36
N GLY E 137 88.03 -60.12 22.18
CA GLY E 137 88.38 -61.44 21.68
C GLY E 137 89.85 -61.61 21.38
N SER E 138 90.33 -61.01 20.28
CA SER E 138 91.73 -61.10 19.92
C SER E 138 92.62 -60.37 20.92
N ALA E 139 92.04 -59.48 21.71
CA ALA E 139 92.76 -58.73 22.76
C ALA E 139 93.95 -57.96 22.18
N ALA E 140 93.77 -57.41 20.98
CA ALA E 140 94.80 -56.56 20.39
C ALA E 140 94.62 -55.10 20.76
N GLN E 141 94.07 -54.83 21.93
CA GLN E 141 93.83 -53.47 22.43
C GLN E 141 94.68 -53.31 23.69
N THR E 142 95.83 -52.66 23.56
CA THR E 142 96.70 -52.36 24.68
C THR E 142 96.59 -50.92 25.15
N ASN E 143 95.75 -50.12 24.51
CA ASN E 143 95.59 -48.72 24.90
C ASN E 143 94.94 -48.63 26.28
N SER E 144 95.06 -47.45 26.88
CA SER E 144 94.60 -47.24 28.26
C SER E 144 93.11 -47.45 28.44
N MET E 145 92.32 -47.39 27.36
CA MET E 145 90.89 -47.58 27.45
C MET E 145 90.48 -48.82 26.65
N VAL E 146 89.51 -49.56 27.17
CA VAL E 146 88.98 -50.75 26.51
C VAL E 146 87.47 -50.57 26.33
N THR E 147 86.98 -50.91 25.15
CA THR E 147 85.57 -50.75 24.82
C THR E 147 84.87 -52.10 24.85
N LEU E 148 83.76 -52.18 25.57
CA LEU E 148 82.94 -53.37 25.65
C LEU E 148 81.56 -53.09 25.07
N GLY E 149 80.96 -54.11 24.47
CA GLY E 149 79.68 -53.93 23.81
C GLY E 149 78.58 -54.84 24.31
N CYS E 150 77.33 -54.44 24.05
CA CYS E 150 76.15 -55.22 24.43
C CYS E 150 75.20 -55.17 23.25
N LEU E 151 74.91 -56.33 22.65
CA LEU E 151 74.11 -56.41 21.44
C LEU E 151 72.72 -56.93 21.78
N VAL E 152 71.70 -56.19 21.34
CA VAL E 152 70.30 -56.57 21.53
C VAL E 152 69.68 -56.75 20.15
N LYS E 153 69.17 -57.95 19.87
CA LYS E 153 68.75 -58.30 18.53
C LYS E 153 67.40 -59.01 18.56
N GLY E 154 66.60 -58.78 17.52
CA GLY E 154 65.38 -59.51 17.30
C GLY E 154 64.29 -59.32 18.33
N TYR E 155 63.96 -58.08 18.67
CA TYR E 155 62.91 -57.79 19.64
C TYR E 155 61.86 -56.89 19.00
N PHE E 156 60.65 -56.96 19.56
CA PHE E 156 59.54 -56.11 19.14
C PHE E 156 58.56 -56.00 20.29
N PRO E 157 58.02 -54.81 20.58
CA PRO E 157 58.40 -53.55 19.93
C PRO E 157 59.38 -52.74 20.75
N GLU E 158 59.67 -51.53 20.30
CA GLU E 158 60.52 -50.62 21.06
C GLU E 158 59.75 -50.10 22.27
N PRO E 159 60.45 -49.57 23.29
CA PRO E 159 61.90 -49.41 23.44
C PRO E 159 62.58 -50.52 24.24
N VAL E 160 63.91 -50.44 24.30
CA VAL E 160 64.72 -51.33 25.13
C VAL E 160 65.66 -50.45 25.95
N THR E 161 65.73 -50.71 27.26
CA THR E 161 66.57 -49.95 28.17
C THR E 161 67.83 -50.76 28.45
N VAL E 162 68.99 -50.15 28.20
CA VAL E 162 70.28 -50.80 28.40
C VAL E 162 71.06 -50.01 29.45
N THR E 163 71.49 -50.70 30.50
CA THR E 163 72.31 -50.11 31.54
C THR E 163 73.48 -51.03 31.84
N TRP E 164 74.57 -50.46 32.33
CA TRP E 164 75.79 -51.19 32.63
C TRP E 164 76.02 -51.22 34.13
N ASN E 165 76.19 -52.43 34.68
CA ASN E 165 76.39 -52.63 36.11
C ASN E 165 75.26 -51.97 36.91
N SER E 166 74.03 -52.17 36.46
CA SER E 166 72.83 -51.60 37.09
C SER E 166 72.93 -50.08 37.19
N GLY E 167 73.44 -49.45 36.12
CA GLY E 167 73.56 -48.01 36.08
C GLY E 167 74.80 -47.43 36.70
N SER E 168 75.70 -48.28 37.23
CA SER E 168 76.92 -47.76 37.86
C SER E 168 77.82 -47.06 36.84
N LEU E 169 77.96 -47.63 35.64
CA LEU E 169 78.78 -47.04 34.59
C LEU E 169 77.94 -46.04 33.81
N SER E 170 77.94 -44.80 34.28
CA SER E 170 77.14 -43.74 33.66
C SER E 170 77.91 -42.97 32.59
N SER E 171 79.24 -42.93 32.67
CA SER E 171 80.05 -42.20 31.73
C SER E 171 80.68 -43.15 30.72
N GLY E 172 80.90 -42.63 29.50
CA GLY E 172 81.52 -43.42 28.46
C GLY E 172 80.63 -44.49 27.87
N VAL E 173 79.32 -44.37 28.00
CA VAL E 173 78.37 -45.34 27.46
C VAL E 173 77.65 -44.71 26.28
N HIS E 174 77.62 -45.43 25.16
CA HIS E 174 76.94 -44.98 23.94
C HIS E 174 75.88 -46.01 23.57
N THR E 175 74.62 -45.61 23.65
CA THR E 175 73.50 -46.46 23.26
C THR E 175 73.00 -46.01 21.89
N PHE E 176 72.93 -46.95 20.95
CA PHE E 176 72.59 -46.58 19.59
C PHE E 176 71.11 -46.79 19.32
N PRO E 177 70.52 -45.97 18.46
CA PRO E 177 69.10 -46.14 18.14
C PRO E 177 68.84 -47.46 17.41
N ALA E 178 67.64 -48.00 17.64
CA ALA E 178 67.27 -49.26 17.03
C ALA E 178 67.08 -49.10 15.52
N VAL E 179 67.30 -50.20 14.80
CA VAL E 179 67.12 -50.26 13.35
C VAL E 179 66.22 -51.45 13.04
N LEU E 180 65.23 -51.23 12.17
CA LEU E 180 64.28 -52.27 11.83
C LEU E 180 64.93 -53.25 10.86
N GLN E 181 64.86 -54.55 11.20
CA GLN E 181 65.42 -55.60 10.37
C GLN E 181 64.44 -56.77 10.35
N SER E 182 63.75 -56.94 9.22
CA SER E 182 62.78 -58.01 9.04
C SER E 182 61.72 -57.99 10.15
N ASP E 183 61.09 -56.83 10.32
CA ASP E 183 60.01 -56.58 11.27
C ASP E 183 60.46 -56.67 12.73
N LEU E 184 61.76 -56.78 12.99
CA LEU E 184 62.29 -56.84 14.34
C LEU E 184 63.35 -55.76 14.52
N TYR E 185 63.41 -55.20 15.72
CA TYR E 185 64.34 -54.13 16.04
C TYR E 185 65.65 -54.69 16.57
N THR E 186 66.71 -53.92 16.38
CA THR E 186 68.05 -54.34 16.80
C THR E 186 68.88 -53.09 17.09
N LEU E 187 69.59 -53.10 18.22
CA LEU E 187 70.49 -52.02 18.56
C LEU E 187 71.68 -52.59 19.32
N SER E 188 72.69 -51.74 19.49
CA SER E 188 73.90 -52.11 20.22
C SER E 188 74.27 -50.98 21.16
N SER E 189 74.91 -51.35 22.28
CA SER E 189 75.37 -50.39 23.28
C SER E 189 76.82 -50.65 23.60
N SER E 190 77.62 -49.59 23.64
CA SER E 190 79.05 -49.69 23.90
C SER E 190 79.40 -48.87 25.13
N VAL E 191 80.32 -49.40 25.95
CA VAL E 191 80.79 -48.73 27.15
C VAL E 191 82.31 -48.67 27.10
N THR E 192 82.86 -47.51 27.42
CA THR E 192 84.31 -47.31 27.46
C THR E 192 84.76 -47.36 28.91
N VAL E 193 85.64 -48.32 29.22
CA VAL E 193 86.06 -48.57 30.60
C VAL E 193 87.58 -48.47 30.67
N PRO E 194 88.15 -47.95 31.76
CA PRO E 194 89.60 -48.00 31.92
C PRO E 194 90.11 -49.45 31.92
N SER E 195 91.27 -49.65 31.31
CA SER E 195 91.81 -51.00 31.16
C SER E 195 92.21 -51.63 32.49
N SER E 196 92.46 -50.82 33.52
CA SER E 196 92.87 -51.39 34.81
C SER E 196 91.71 -52.03 35.57
N THR E 197 90.47 -51.70 35.22
CA THR E 197 89.31 -52.23 35.93
C THR E 197 88.68 -53.43 35.24
N TRP E 198 89.09 -53.76 34.02
CA TRP E 198 88.58 -54.92 33.32
C TRP E 198 89.73 -55.69 32.68
N PRO E 199 89.72 -57.02 32.73
CA PRO E 199 88.68 -57.88 33.30
C PRO E 199 88.86 -58.14 34.81
N SER E 200 89.62 -57.28 35.49
CA SER E 200 89.83 -57.47 36.92
C SER E 200 88.52 -57.37 37.69
N GLU E 201 87.60 -56.53 37.25
CA GLU E 201 86.29 -56.39 37.87
C GLU E 201 85.21 -56.68 36.84
N THR E 202 84.12 -57.31 37.30
CA THR E 202 83.06 -57.73 36.40
C THR E 202 82.34 -56.53 35.80
N VAL E 203 82.01 -56.63 34.52
CA VAL E 203 81.21 -55.62 33.81
C VAL E 203 80.02 -56.33 33.19
N THR E 204 78.82 -55.86 33.51
CA THR E 204 77.58 -56.48 33.07
C THR E 204 76.66 -55.43 32.49
N CYS E 205 76.06 -55.73 31.34
CA CYS E 205 75.04 -54.87 30.75
C CYS E 205 73.66 -55.44 31.05
N ASN E 206 72.75 -54.58 31.51
CA ASN E 206 71.40 -54.96 31.85
C ASN E 206 70.45 -54.50 30.75
N VAL E 207 69.67 -55.43 30.20
CA VAL E 207 68.76 -55.16 29.10
C VAL E 207 67.34 -55.40 29.60
N ALA E 208 66.48 -54.39 29.48
CA ALA E 208 65.10 -54.47 29.94
C ALA E 208 64.17 -54.27 28.76
N HIS E 209 63.19 -55.18 28.62
CA HIS E 209 62.20 -55.14 27.55
C HIS E 209 60.83 -55.23 28.21
N PRO E 210 60.26 -54.10 28.65
CA PRO E 210 58.99 -54.15 29.39
C PRO E 210 57.82 -54.69 28.58
N ALA E 211 57.89 -54.64 27.25
CA ALA E 211 56.79 -55.16 26.44
C ALA E 211 56.59 -56.66 26.66
N SER E 212 57.69 -57.41 26.71
CA SER E 212 57.65 -58.84 27.00
C SER E 212 57.95 -59.15 28.47
N SER E 213 58.13 -58.12 29.30
CA SER E 213 58.47 -58.29 30.71
C SER E 213 59.73 -59.14 30.88
N THR E 214 60.74 -58.85 30.07
CA THR E 214 61.98 -59.61 30.05
C THR E 214 63.13 -58.70 30.46
N LYS E 215 63.93 -59.15 31.43
CA LYS E 215 65.15 -58.47 31.84
C LYS E 215 66.30 -59.46 31.74
N VAL E 216 67.33 -59.11 31.00
CA VAL E 216 68.47 -59.98 30.75
C VAL E 216 69.74 -59.28 31.21
N ASP E 217 70.55 -59.97 31.99
CA ASP E 217 71.85 -59.48 32.44
C ASP E 217 72.94 -60.33 31.81
N LYS E 218 73.82 -59.69 31.04
CA LYS E 218 74.92 -60.37 30.38
C LYS E 218 76.23 -59.81 30.91
N LYS E 219 77.01 -60.67 31.56
CA LYS E 219 78.32 -60.28 32.05
C LYS E 219 79.35 -60.43 30.94
N ILE E 220 80.10 -59.36 30.68
CA ILE E 220 81.12 -59.37 29.64
C ILE E 220 82.33 -60.13 30.15
N VAL E 221 82.72 -61.18 29.44
CA VAL E 221 83.86 -62.00 29.84
C VAL E 221 84.82 -62.14 28.67
N PRO E 222 86.13 -62.09 28.89
CA PRO E 222 87.08 -62.26 27.79
C PRO E 222 87.10 -63.68 27.28
N ARG E 223 87.50 -63.82 26.02
CA ARG E 223 87.60 -65.12 25.39
C ARG E 223 88.88 -65.82 25.84
N ASP E 224 89.06 -67.06 25.39
CA ASP E 224 90.25 -67.84 25.72
C ASP E 224 91.49 -67.25 25.05
N ASP F 1 49.58 -26.04 -4.97
CA ASP F 1 49.47 -24.88 -4.10
C ASP F 1 50.78 -24.10 -4.08
N ILE F 2 51.25 -23.74 -2.88
CA ILE F 2 52.51 -23.03 -2.71
C ILE F 2 53.43 -23.89 -1.86
N GLN F 3 54.66 -24.09 -2.35
CA GLN F 3 55.62 -24.98 -1.72
C GLN F 3 56.74 -24.16 -1.06
N MET F 4 57.14 -24.58 0.13
CA MET F 4 58.23 -23.95 0.84
C MET F 4 59.52 -24.76 0.63
N THR F 5 60.58 -24.08 0.22
CA THR F 5 61.87 -24.70 0.00
C THR F 5 62.93 -23.97 0.80
N GLN F 6 63.67 -24.70 1.63
CA GLN F 6 64.75 -24.15 2.43
C GLN F 6 66.08 -24.60 1.85
N SER F 7 66.93 -23.64 1.48
CA SER F 7 68.21 -23.97 0.87
C SER F 7 69.13 -24.77 1.78
N PRO F 8 69.34 -24.41 3.06
CA PRO F 8 70.25 -25.22 3.90
C PRO F 8 69.54 -26.44 4.44
N SER F 9 69.91 -27.62 3.92
CA SER F 9 69.35 -28.86 4.43
C SER F 9 69.80 -29.12 5.86
N SER F 10 71.09 -28.91 6.13
CA SER F 10 71.64 -29.05 7.47
C SER F 10 72.80 -28.07 7.60
N LEU F 11 72.88 -27.40 8.75
CA LEU F 11 73.89 -26.39 8.98
C LEU F 11 74.60 -26.66 10.30
N SER F 12 75.93 -26.55 10.28
CA SER F 12 76.76 -26.66 11.47
C SER F 12 77.51 -25.34 11.67
N ALA F 13 77.38 -24.78 12.86
CA ALA F 13 78.03 -23.51 13.17
C ALA F 13 78.51 -23.53 14.63
N SER F 14 79.58 -22.79 14.88
CA SER F 14 80.13 -22.70 16.23
C SER F 14 79.28 -21.79 17.09
N LEU F 15 79.49 -21.90 18.41
CA LEU F 15 78.75 -21.06 19.35
C LEU F 15 79.12 -19.60 19.16
N GLY F 16 78.10 -18.74 19.11
CA GLY F 16 78.32 -17.32 18.93
C GLY F 16 78.52 -16.87 17.50
N GLU F 17 78.43 -17.77 16.53
CA GLU F 17 78.62 -17.42 15.13
C GLU F 17 77.28 -17.13 14.46
N THR F 18 77.26 -16.10 13.62
CA THR F 18 76.05 -15.72 12.92
C THR F 18 75.66 -16.79 11.90
N VAL F 19 74.36 -16.99 11.74
CA VAL F 19 73.84 -17.98 10.81
C VAL F 19 72.50 -17.50 10.29
N THR F 20 72.27 -17.69 9.00
CA THR F 20 71.02 -17.29 8.34
C THR F 20 70.36 -18.52 7.73
N ILE F 21 69.07 -18.69 7.99
CA ILE F 21 68.27 -19.77 7.43
C ILE F 21 67.25 -19.15 6.50
N THR F 22 67.26 -19.60 5.24
CA THR F 22 66.43 -19.01 4.20
C THR F 22 65.29 -19.97 3.82
N CYS F 23 64.08 -19.43 3.75
CA CYS F 23 62.90 -20.18 3.34
C CYS F 23 62.36 -19.54 2.06
N UNK F 24 62.28 -20.33 0.99
CA UNK F 24 61.82 -19.83 -0.30
C UNK F 24 60.37 -20.25 -0.52
N UNK F 25 59.61 -19.35 -1.15
CA UNK F 25 58.19 -19.56 -1.39
C UNK F 25 57.92 -19.66 -2.89
N UNK F 26 57.10 -20.64 -3.27
CA UNK F 26 56.73 -20.80 -4.67
C UNK F 26 55.88 -19.64 -5.17
N UNK F 27 55.23 -18.91 -4.27
CA UNK F 27 54.41 -17.77 -4.66
C UNK F 27 54.38 -16.74 -3.55
N UNK F 28 53.80 -15.59 -3.87
CA UNK F 28 53.68 -14.52 -2.89
C UNK F 28 52.79 -14.95 -1.73
N UNK F 29 53.27 -14.71 -0.51
CA UNK F 29 52.54 -15.08 0.70
C UNK F 29 51.98 -13.90 1.46
N UNK F 30 52.42 -12.68 1.16
CA UNK F 30 51.98 -11.45 1.83
C UNK F 30 52.19 -11.55 3.35
N UNK F 31 53.46 -11.76 3.73
CA UNK F 31 53.89 -11.83 5.12
C UNK F 31 53.21 -12.96 5.91
N UNK F 32 52.68 -13.97 5.23
CA UNK F 32 52.01 -15.08 5.91
C UNK F 32 52.98 -16.25 6.09
N UNK F 33 54.11 -15.96 6.75
CA UNK F 33 55.14 -16.96 7.01
C UNK F 33 55.49 -16.99 8.49
N UNK F 34 55.74 -18.19 9.00
CA UNK F 34 56.07 -18.39 10.42
C UNK F 34 57.25 -19.35 10.52
N TRP F 35 58.01 -19.21 11.60
CA TRP F 35 59.13 -20.09 11.90
C TRP F 35 58.90 -20.79 13.23
N TYR F 36 59.21 -22.08 13.28
CA TYR F 36 59.05 -22.90 14.47
C TYR F 36 60.38 -23.51 14.86
N GLN F 37 60.66 -23.52 16.16
CA GLN F 37 61.87 -24.12 16.72
C GLN F 37 61.52 -25.41 17.42
N GLN F 38 62.19 -26.50 17.04
CA GLN F 38 61.94 -27.82 17.58
C GLN F 38 63.23 -28.40 18.16
N LYS F 39 63.16 -28.86 19.41
CA LYS F 39 64.27 -29.57 20.02
C LYS F 39 64.20 -31.06 19.69
N SER F 40 65.24 -31.79 20.07
CA SER F 40 65.29 -33.22 19.81
C SER F 40 64.26 -33.95 20.66
N GLY F 41 63.38 -34.71 19.99
CA GLY F 41 62.33 -35.43 20.68
C GLY F 41 61.35 -34.54 21.41
N GLN F 42 61.06 -33.36 20.87
CA GLN F 42 60.17 -32.41 21.51
C GLN F 42 59.21 -31.84 20.48
N SER F 43 58.10 -31.29 20.96
CA SER F 43 57.14 -30.68 20.05
C SER F 43 57.63 -29.31 19.59
N PRO F 44 57.28 -28.90 18.38
CA PRO F 44 57.66 -27.56 17.90
C PRO F 44 57.00 -26.46 18.71
N LYS F 45 57.71 -25.34 18.82
CA LYS F 45 57.20 -24.16 19.50
C LYS F 45 57.30 -22.96 18.56
N LEU F 46 56.27 -22.13 18.57
CA LEU F 46 56.25 -20.95 17.72
C LEU F 46 57.37 -19.99 18.11
N LEU F 47 58.12 -19.53 17.11
CA LEU F 47 59.28 -18.67 17.32
C LEU F 47 59.05 -17.25 16.82
N VAL F 48 58.66 -17.09 15.56
CA VAL F 48 58.38 -15.77 15.00
C VAL F 48 57.25 -15.91 13.98
N TYR F 49 56.28 -15.01 14.04
CA TYR F 49 55.16 -14.99 13.12
C TYR F 49 55.14 -13.69 12.34
N UNK F 50 54.36 -13.67 11.25
CA UNK F 50 54.30 -12.57 10.30
C UNK F 50 55.67 -12.26 9.69
N UNK F 51 56.61 -13.19 9.82
CA UNK F 51 57.94 -13.13 9.21
C UNK F 51 58.82 -12.03 9.81
N UNK F 52 58.25 -11.19 10.70
CA UNK F 52 59.05 -10.15 11.33
C UNK F 52 58.70 -9.88 12.79
N UNK F 53 57.76 -10.63 13.39
CA UNK F 53 57.28 -10.35 14.73
C UNK F 53 57.65 -11.50 15.65
N UNK F 54 58.65 -11.29 16.50
CA UNK F 54 59.09 -12.33 17.43
C UNK F 54 58.00 -12.58 18.47
N UNK F 55 57.88 -13.84 18.89
CA UNK F 55 56.86 -14.24 19.84
C UNK F 55 57.29 -13.90 21.26
N UNK F 56 56.41 -14.20 22.22
CA UNK F 56 56.71 -13.91 23.61
C UNK F 56 57.78 -14.84 24.14
N GLY F 57 58.70 -14.28 24.93
CA GLY F 57 59.79 -15.04 25.52
C GLY F 57 60.95 -15.33 24.59
N VAL F 58 60.85 -14.98 23.31
CA VAL F 58 61.93 -15.22 22.37
C VAL F 58 63.01 -14.15 22.57
N PRO F 59 64.27 -14.52 22.75
CA PRO F 59 65.32 -13.51 22.92
C PRO F 59 65.52 -12.70 21.65
N ALA F 60 66.14 -11.53 21.82
CA ALA F 60 66.36 -10.60 20.72
C ALA F 60 67.37 -11.10 19.70
N ARG F 61 68.08 -12.19 19.99
CA ARG F 61 69.05 -12.71 19.03
C ARG F 61 68.38 -13.17 17.75
N PHE F 62 67.23 -13.83 17.86
CA PHE F 62 66.48 -14.25 16.67
C PHE F 62 65.92 -13.06 15.93
N SER F 63 65.95 -13.12 14.60
CA SER F 63 65.40 -12.06 13.77
C SER F 63 65.02 -12.65 12.42
N GLY F 64 63.98 -12.08 11.81
CA GLY F 64 63.52 -12.52 10.52
C GLY F 64 63.46 -11.37 9.53
N SER F 65 63.48 -11.73 8.25
CA SER F 65 63.44 -10.75 7.18
C SER F 65 62.75 -11.35 5.97
N GLY F 66 62.13 -10.50 5.16
CA GLY F 66 61.47 -10.93 3.94
C GLY F 66 61.80 -10.06 2.75
N SER F 67 62.36 -10.66 1.70
CA SER F 67 62.72 -9.96 0.47
C SER F 67 62.13 -10.75 -0.69
N GLY F 68 60.86 -10.46 -1.02
CA GLY F 68 60.19 -11.16 -2.10
C GLY F 68 59.67 -12.52 -1.66
N THR F 69 60.11 -13.58 -2.34
CA THR F 69 59.68 -14.93 -2.03
C THR F 69 60.69 -15.69 -1.18
N SER F 70 61.77 -15.04 -0.76
CA SER F 70 62.82 -15.68 0.03
C SER F 70 62.82 -15.03 1.42
N TYR F 71 62.29 -15.75 2.40
CA TYR F 71 62.25 -15.30 3.78
C TYR F 71 63.43 -15.89 4.55
N SER F 72 64.08 -15.05 5.35
CA SER F 72 65.32 -15.41 6.02
C SER F 72 65.17 -15.30 7.53
N LEU F 73 65.76 -16.25 8.24
CA LEU F 73 65.85 -16.24 9.70
C LEU F 73 67.30 -16.07 10.11
N THR F 74 67.58 -15.09 10.97
CA THR F 74 68.94 -14.72 11.31
C THR F 74 69.14 -14.82 12.83
N ILE F 75 70.22 -15.48 13.24
CA ILE F 75 70.66 -15.52 14.63
C ILE F 75 72.12 -15.11 14.65
N SER F 76 72.45 -14.09 15.46
CA SER F 76 73.79 -13.52 15.44
C SER F 76 74.74 -14.22 16.39
N SER F 77 74.34 -14.42 17.64
CA SER F 77 75.18 -15.05 18.66
C SER F 77 74.48 -16.32 19.14
N LEU F 78 74.90 -17.46 18.58
CA LEU F 78 74.25 -18.72 18.91
C LEU F 78 74.46 -19.08 20.38
N GLN F 79 73.48 -19.76 20.94
CA GLN F 79 73.49 -20.23 22.32
C GLN F 79 73.17 -21.71 22.34
N PRO F 80 73.53 -22.42 23.43
CA PRO F 80 73.24 -23.86 23.47
C PRO F 80 71.77 -24.18 23.31
N GLU F 81 70.87 -23.30 23.76
CA GLU F 81 69.45 -23.50 23.54
C GLU F 81 69.06 -23.33 22.08
N ASP F 82 69.84 -22.57 21.30
CA ASP F 82 69.50 -22.29 19.91
C ASP F 82 69.66 -23.49 19.00
N PHE F 83 70.45 -24.48 19.40
CA PHE F 83 70.71 -25.63 18.53
C PHE F 83 69.50 -26.56 18.49
N GLY F 84 69.11 -26.96 17.29
CA GLY F 84 67.95 -27.81 17.10
C GLY F 84 67.52 -27.88 15.65
N VAL F 85 66.21 -27.97 15.41
CA VAL F 85 65.65 -28.04 14.07
C VAL F 85 64.64 -26.92 13.91
N TYR F 86 64.64 -26.28 12.74
CA TYR F 86 63.77 -25.15 12.45
C TYR F 86 62.96 -25.41 11.20
N TYR F 87 61.70 -24.97 11.21
CA TYR F 87 60.80 -25.15 10.09
C TYR F 87 60.06 -23.85 9.81
N CYS F 88 59.77 -23.61 8.52
CA CYS F 88 58.96 -22.48 8.11
C CYS F 88 57.62 -22.97 7.57
N UNK F 89 56.60 -22.13 7.70
CA UNK F 89 55.26 -22.47 7.27
C UNK F 89 54.62 -21.29 6.56
N UNK F 90 53.75 -21.59 5.60
CA UNK F 90 52.99 -20.58 4.88
C UNK F 90 51.55 -20.60 5.36
N UNK F 91 51.03 -19.42 5.72
CA UNK F 91 49.71 -19.30 6.32
C UNK F 91 48.71 -18.55 5.44
N UNK F 92 49.05 -18.28 4.18
CA UNK F 92 48.14 -17.57 3.29
C UNK F 92 47.07 -18.51 2.75
N UNK F 93 47.49 -19.52 1.99
CA UNK F 93 46.61 -20.56 1.49
C UNK F 93 46.53 -21.67 2.54
N UNK F 94 46.05 -22.85 2.15
CA UNK F 94 46.08 -24.00 3.04
C UNK F 94 47.49 -24.22 3.57
N UNK F 95 47.59 -24.49 4.87
CA UNK F 95 48.89 -24.47 5.54
C UNK F 95 49.82 -25.52 4.96
N UNK F 96 51.11 -25.16 4.90
CA UNK F 96 52.16 -26.06 4.45
C UNK F 96 53.45 -25.68 5.14
N PHE F 97 54.37 -26.65 5.22
CA PHE F 97 55.64 -26.47 5.89
C PHE F 97 56.79 -26.58 4.91
N GLY F 98 57.98 -26.20 5.38
CA GLY F 98 59.19 -26.33 4.60
C GLY F 98 59.84 -27.70 4.76
N GLY F 99 61.01 -27.84 4.14
CA GLY F 99 61.74 -29.09 4.21
C GLY F 99 62.45 -29.34 5.52
N GLY F 100 62.69 -28.29 6.29
CA GLY F 100 63.37 -28.43 7.57
C GLY F 100 64.84 -28.04 7.49
N THR F 101 65.35 -27.49 8.58
CA THR F 101 66.76 -27.13 8.71
C THR F 101 67.24 -27.60 10.08
N LYS F 102 68.22 -28.51 10.09
CA LYS F 102 68.76 -29.07 11.31
C LYS F 102 70.06 -28.35 11.65
N LEU F 103 70.05 -27.61 12.75
CA LEU F 103 71.21 -26.86 13.21
C LEU F 103 71.96 -27.66 14.27
N GLU F 104 73.27 -27.83 14.07
CA GLU F 104 74.10 -28.63 14.95
C GLU F 104 75.37 -27.87 15.33
N ILE F 105 75.95 -28.26 16.46
CA ILE F 105 77.16 -27.60 16.96
C ILE F 105 78.35 -28.00 16.11
N LYS F 106 79.19 -27.02 15.77
CA LYS F 106 80.44 -27.25 15.06
C LYS F 106 81.60 -27.11 16.04
N ARG F 107 82.47 -28.11 16.07
CA ARG F 107 83.63 -28.12 16.96
C ARG F 107 84.84 -28.61 16.18
N ALA F 108 85.95 -28.78 16.89
CA ALA F 108 87.17 -29.27 16.26
C ALA F 108 87.01 -30.74 15.88
N ASP F 109 87.71 -31.13 14.82
CA ASP F 109 87.66 -32.51 14.35
C ASP F 109 88.27 -33.46 15.37
N ALA F 110 87.71 -34.66 15.46
CA ALA F 110 88.20 -35.68 16.37
C ALA F 110 88.25 -37.01 15.62
N ALA F 111 89.23 -37.83 15.99
CA ALA F 111 89.40 -39.13 15.35
C ALA F 111 88.36 -40.12 15.87
N PRO F 112 87.82 -40.98 14.99
CA PRO F 112 86.86 -42.00 15.45
C PRO F 112 87.58 -43.13 16.16
N THR F 113 87.13 -43.44 17.37
CA THR F 113 87.67 -44.58 18.10
C THR F 113 87.00 -45.84 17.58
N VAL F 114 87.75 -46.63 16.82
CA VAL F 114 87.20 -47.78 16.09
C VAL F 114 87.47 -49.04 16.89
N SER F 115 86.41 -49.80 17.15
CA SER F 115 86.50 -51.08 17.83
C SER F 115 85.73 -52.12 17.02
N ILE F 116 86.32 -53.30 16.87
CA ILE F 116 85.72 -54.39 16.11
C ILE F 116 85.56 -55.60 17.04
N PHE F 117 84.42 -56.27 16.93
CA PHE F 117 84.10 -57.37 17.84
C PHE F 117 83.69 -58.60 17.03
N PRO F 118 84.28 -59.76 17.29
CA PRO F 118 83.84 -60.98 16.63
C PRO F 118 82.49 -61.43 17.17
N PRO F 119 81.76 -62.25 16.43
CA PRO F 119 80.49 -62.77 16.95
C PRO F 119 80.68 -63.57 18.23
N SER F 120 79.72 -63.42 19.15
CA SER F 120 79.81 -64.06 20.45
C SER F 120 79.53 -65.56 20.33
N SER F 121 79.95 -66.29 21.36
CA SER F 121 79.70 -67.73 21.40
C SER F 121 78.21 -68.03 21.46
N GLU F 122 77.45 -67.23 22.21
CA GLU F 122 76.01 -67.46 22.34
C GLU F 122 75.31 -67.34 21.00
N GLN F 123 75.70 -66.34 20.19
CA GLN F 123 75.07 -66.15 18.89
C GLN F 123 75.41 -67.29 17.93
N LEU F 124 76.62 -67.84 18.03
CA LEU F 124 77.02 -68.93 17.14
C LEU F 124 76.14 -70.17 17.35
N THR F 125 75.79 -70.47 18.61
CA THR F 125 74.95 -71.62 18.89
C THR F 125 73.56 -71.46 18.29
N SER F 126 73.04 -70.23 18.30
CA SER F 126 71.71 -69.97 17.73
C SER F 126 71.70 -70.25 16.24
N GLY F 127 72.75 -69.84 15.52
CA GLY F 127 72.82 -70.07 14.09
C GLY F 127 73.24 -68.84 13.31
N GLY F 128 73.28 -67.69 13.97
CA GLY F 128 73.68 -66.45 13.35
C GLY F 128 75.09 -66.02 13.75
N ALA F 129 75.58 -64.99 13.06
CA ALA F 129 76.90 -64.45 13.33
C ALA F 129 76.93 -63.00 12.88
N SER F 130 77.01 -62.08 13.84
CA SER F 130 77.06 -60.65 13.55
C SER F 130 78.37 -60.09 14.05
N VAL F 131 79.08 -59.39 13.17
CA VAL F 131 80.32 -58.70 13.51
C VAL F 131 79.98 -57.23 13.73
N VAL F 132 80.24 -56.73 14.93
CA VAL F 132 79.85 -55.38 15.33
C VAL F 132 81.08 -54.49 15.34
N CYS F 133 80.98 -53.34 14.69
CA CYS F 133 82.05 -52.35 14.66
C CYS F 133 81.54 -51.04 15.25
N PHE F 134 82.28 -50.51 16.22
CA PHE F 134 81.90 -49.29 16.92
C PHE F 134 82.82 -48.15 16.51
N LEU F 135 82.23 -46.99 16.23
CA LEU F 135 82.98 -45.79 15.85
C LEU F 135 82.46 -44.66 16.73
N ASN F 136 83.16 -44.38 17.82
CA ASN F 136 82.68 -43.46 18.85
C ASN F 136 83.47 -42.17 18.85
N ASN F 137 82.78 -41.08 19.17
CA ASN F 137 83.39 -39.77 19.44
C ASN F 137 84.19 -39.26 18.24
N PHE F 138 83.48 -39.01 17.15
CA PHE F 138 84.09 -38.48 15.93
C PHE F 138 83.29 -37.29 15.41
N TYR F 139 84.01 -36.35 14.81
CA TYR F 139 83.44 -35.20 14.14
C TYR F 139 84.21 -34.98 12.85
N PRO F 140 83.54 -34.62 11.74
CA PRO F 140 82.09 -34.40 11.60
C PRO F 140 81.28 -35.69 11.46
N LYS F 141 79.95 -35.54 11.39
CA LYS F 141 79.07 -36.69 11.28
C LYS F 141 79.29 -37.45 9.98
N ASP F 142 79.72 -36.77 8.93
CA ASP F 142 79.90 -37.39 7.62
C ASP F 142 81.04 -38.40 7.68
N ILE F 143 80.70 -39.68 7.53
CA ILE F 143 81.70 -40.75 7.54
C ILE F 143 81.11 -41.94 6.78
N ASN F 144 81.98 -42.68 6.11
CA ASN F 144 81.59 -43.88 5.37
C ASN F 144 82.45 -45.04 5.82
N VAL F 145 81.82 -46.21 6.01
CA VAL F 145 82.50 -47.40 6.47
C VAL F 145 82.46 -48.45 5.37
N LYS F 146 83.48 -49.31 5.36
CA LYS F 146 83.57 -50.42 4.42
C LYS F 146 83.82 -51.71 5.18
N TRP F 147 83.15 -52.78 4.76
CA TRP F 147 83.35 -54.11 5.33
C TRP F 147 84.13 -54.94 4.34
N LYS F 148 85.35 -55.34 4.72
CA LYS F 148 86.23 -56.14 3.88
C LYS F 148 86.37 -57.53 4.48
N ILE F 149 86.08 -58.56 3.67
CA ILE F 149 86.21 -59.94 4.08
C ILE F 149 87.34 -60.54 3.25
N ASP F 150 88.51 -60.71 3.88
CA ASP F 150 89.71 -61.20 3.20
C ASP F 150 90.08 -60.31 2.02
N GLY F 151 89.92 -59.00 2.20
CA GLY F 151 90.26 -58.04 1.17
C GLY F 151 89.17 -57.72 0.17
N SER F 152 88.02 -58.38 0.26
CA SER F 152 86.91 -58.17 -0.67
C SER F 152 85.78 -57.45 0.05
N GLU F 153 85.33 -56.34 -0.53
CA GLU F 153 84.25 -55.57 0.06
C GLU F 153 82.92 -56.29 -0.11
N ARG F 154 82.06 -56.20 0.91
CA ARG F 154 80.74 -56.79 0.88
C ARG F 154 79.71 -55.71 1.17
N GLN F 155 78.74 -55.57 0.27
CA GLN F 155 77.69 -54.56 0.40
C GLN F 155 76.34 -55.18 0.76
N ASN F 156 76.35 -56.35 1.37
CA ASN F 156 75.13 -57.07 1.71
C ASN F 156 75.14 -57.46 3.18
N GLY F 157 73.97 -57.34 3.81
CA GLY F 157 73.83 -57.75 5.20
C GLY F 157 74.39 -56.80 6.22
N VAL F 158 74.72 -55.57 5.83
CA VAL F 158 75.33 -54.58 6.72
C VAL F 158 74.28 -53.53 7.07
N LEU F 159 74.13 -53.25 8.37
CA LEU F 159 73.22 -52.24 8.86
C LEU F 159 73.98 -51.28 9.77
N ASN F 160 73.68 -49.99 9.64
CA ASN F 160 74.38 -48.95 10.37
C ASN F 160 73.40 -48.15 11.22
N SER F 161 73.90 -47.58 12.31
CA SER F 161 73.08 -46.80 13.23
C SER F 161 73.89 -45.59 13.69
N TRP F 162 73.36 -44.39 13.44
CA TRP F 162 73.99 -43.16 13.86
C TRP F 162 73.25 -42.60 15.07
N THR F 163 73.98 -42.32 16.14
CA THR F 163 73.38 -41.74 17.33
C THR F 163 73.24 -40.23 17.19
N ASP F 164 72.42 -39.65 18.07
CA ASP F 164 72.29 -38.21 18.13
C ASP F 164 73.58 -37.59 18.68
N GLN F 165 73.79 -36.32 18.35
CA GLN F 165 74.98 -35.61 18.82
C GLN F 165 75.04 -35.59 20.34
N ASP F 166 76.19 -35.96 20.89
CA ASP F 166 76.35 -36.06 22.33
C ASP F 166 76.26 -34.69 22.97
N SER F 167 75.60 -34.63 24.13
CA SER F 167 75.48 -33.36 24.85
C SER F 167 76.77 -32.95 25.55
N LYS F 168 77.55 -33.93 26.03
CA LYS F 168 78.75 -33.61 26.81
C LYS F 168 79.88 -33.11 25.93
N ASP F 169 80.33 -33.94 24.99
CA ASP F 169 81.51 -33.62 24.18
C ASP F 169 81.16 -33.14 22.78
N SER F 170 79.88 -33.04 22.43
CA SER F 170 79.43 -32.55 21.13
C SER F 170 80.05 -33.35 19.98
N THR F 171 80.12 -34.67 20.15
CA THR F 171 80.64 -35.57 19.15
C THR F 171 79.53 -36.46 18.60
N TYR F 172 79.92 -37.42 17.75
CA TYR F 172 78.99 -38.36 17.16
C TYR F 172 79.54 -39.77 17.30
N SER F 173 78.66 -40.76 17.30
CA SER F 173 79.04 -42.16 17.36
C SER F 173 78.26 -42.95 16.33
N MET F 174 78.90 -44.00 15.81
CA MET F 174 78.30 -44.85 14.78
C MET F 174 78.63 -46.30 15.07
N SER F 175 77.65 -47.18 14.86
CA SER F 175 77.84 -48.61 15.00
C SER F 175 77.41 -49.31 13.71
N SER F 176 78.32 -50.11 13.15
CA SER F 176 78.07 -50.85 11.93
C SER F 176 78.07 -52.34 12.24
N THR F 177 77.00 -53.04 11.86
CA THR F 177 76.84 -54.45 12.14
C THR F 177 76.74 -55.22 10.83
N LEU F 178 77.56 -56.25 10.69
CA LEU F 178 77.55 -57.15 9.53
C LEU F 178 77.01 -58.49 10.00
N THR F 179 75.82 -58.86 9.53
CA THR F 179 75.14 -60.08 9.94
C THR F 179 75.20 -61.10 8.81
N LEU F 180 75.60 -62.32 9.14
CA LEU F 180 75.65 -63.40 8.17
C LEU F 180 75.46 -64.72 8.91
N THR F 181 75.17 -65.76 8.14
CA THR F 181 74.92 -67.07 8.73
C THR F 181 76.20 -67.66 9.30
N LYS F 182 76.04 -68.66 10.17
CA LYS F 182 77.20 -69.31 10.78
C LYS F 182 78.08 -69.99 9.74
N ASP F 183 77.47 -70.63 8.74
CA ASP F 183 78.25 -71.33 7.73
C ASP F 183 79.14 -70.37 6.96
N GLU F 184 78.59 -69.22 6.54
CA GLU F 184 79.39 -68.26 5.79
C GLU F 184 80.45 -67.60 6.65
N TYR F 185 80.19 -67.46 7.96
CA TYR F 185 81.17 -66.83 8.83
C TYR F 185 82.43 -67.67 8.99
N GLU F 186 82.28 -68.99 9.07
CA GLU F 186 83.42 -69.88 9.30
C GLU F 186 84.15 -70.27 8.02
N ARG F 187 83.71 -69.79 6.86
CA ARG F 187 84.39 -70.05 5.61
C ARG F 187 85.45 -69.01 5.28
N HIS F 188 85.66 -68.02 6.15
CA HIS F 188 86.63 -66.97 5.92
C HIS F 188 87.35 -66.68 7.23
N ASN F 189 88.51 -66.03 7.12
CA ASN F 189 89.40 -65.82 8.26
C ASN F 189 89.44 -64.37 8.73
N SER F 190 89.66 -63.42 7.83
CA SER F 190 89.88 -62.03 8.21
C SER F 190 88.64 -61.21 7.88
N TYR F 191 88.11 -60.52 8.89
CA TYR F 191 87.02 -59.57 8.73
C TYR F 191 87.54 -58.19 9.14
N THR F 192 87.45 -57.22 8.23
CA THR F 192 88.05 -55.92 8.43
C THR F 192 86.96 -54.84 8.41
N CYS F 193 87.00 -53.96 9.39
CA CYS F 193 86.12 -52.79 9.46
C CYS F 193 86.97 -51.55 9.25
N GLU F 194 86.89 -50.96 8.06
CA GLU F 194 87.63 -49.75 7.72
C GLU F 194 86.65 -48.62 7.45
N ALA F 195 87.02 -47.42 7.87
CA ALA F 195 86.20 -46.23 7.69
C ALA F 195 87.06 -45.09 7.16
N THR F 196 86.57 -44.41 6.13
CA THR F 196 87.26 -43.26 5.56
C THR F 196 86.70 -41.99 6.18
N HIS F 197 87.60 -41.15 6.72
CA HIS F 197 87.20 -39.94 7.40
C HIS F 197 88.12 -38.79 7.01
N LYS F 198 87.62 -37.57 7.18
CA LYS F 198 88.38 -36.38 6.84
C LYS F 198 89.60 -36.19 7.76
N THR F 199 89.59 -36.80 8.94
CA THR F 199 90.67 -36.59 9.90
C THR F 199 92.01 -37.08 9.35
N SER F 200 92.02 -38.25 8.72
CA SER F 200 93.24 -38.85 8.20
C SER F 200 93.01 -39.31 6.77
N THR F 201 94.02 -39.10 5.91
CA THR F 201 93.92 -39.55 4.53
C THR F 201 93.82 -41.07 4.45
N SER F 202 94.62 -41.77 5.24
CA SER F 202 94.55 -43.23 5.28
C SER F 202 93.39 -43.64 6.18
N PRO F 203 92.45 -44.45 5.69
CA PRO F 203 91.33 -44.89 6.54
C PRO F 203 91.82 -45.73 7.71
N ILE F 204 91.16 -45.59 8.86
CA ILE F 204 91.51 -46.36 10.03
C ILE F 204 91.06 -47.81 9.83
N VAL F 205 91.97 -48.74 10.04
CA VAL F 205 91.75 -50.15 9.73
C VAL F 205 91.76 -50.94 11.04
N LYS F 206 90.67 -51.66 11.30
CA LYS F 206 90.58 -52.58 12.42
C LYS F 206 90.04 -53.91 11.91
N SER F 207 90.64 -55.00 12.37
CA SER F 207 90.28 -56.32 11.88
C SER F 207 90.64 -57.35 12.95
N PHE F 208 90.23 -58.59 12.70
CA PHE F 208 90.56 -59.71 13.57
C PHE F 208 90.61 -60.98 12.74
N ASN F 209 91.20 -62.02 13.34
CA ASN F 209 91.30 -63.33 12.71
C ASN F 209 90.33 -64.29 13.40
N ARG F 210 89.58 -65.04 12.60
CA ARG F 210 88.61 -65.98 13.16
C ARG F 210 89.32 -67.07 13.95
N ASN F 211 90.46 -67.55 13.47
CA ASN F 211 91.24 -68.55 14.17
C ASN F 211 91.91 -67.95 15.40
N GLU F 212 91.27 -68.06 16.55
CA GLU F 212 91.78 -67.49 17.79
C GLU F 212 92.95 -68.31 18.33
#